data_6HZN
#
_entry.id   6HZN
#
_cell.length_a   182.676
_cell.length_b   213.914
_cell.length_c   86.945
_cell.angle_alpha   90.00
_cell.angle_beta   90.00
_cell.angle_gamma   90.00
#
_symmetry.space_group_name_H-M   'C 2 2 21'
#
loop_
_entity.id
_entity.type
_entity.pdbx_description
1 polymer 'Dermatan-sulfate epimerase'
2 branched 2-acetamido-2-deoxy-beta-D-glucopyranose-(1-4)-2-acetamido-2-deoxy-beta-D-glucopyranose
3 branched alpha-D-mannopyranose-(1-3)-[alpha-D-mannopyranose-(1-6)]beta-D-mannopyranose-(1-4)-2-acetamido-2-deoxy-beta-D-glucopyranose-(1-4)-2-acetamido-2-deoxy-beta-D-glucopyranose
4 non-polymer 2-acetamido-2-deoxy-beta-D-glucopyranose
5 non-polymer 'MANGANESE (II) ION'
6 non-polymer '2-(N-MORPHOLINO)-ETHANESULFONIC ACID'
7 water water
#
_entity_poly.entity_id   1
_entity_poly.type   'polypeptide(L)'
_entity_poly.pdbx_seq_one_letter_code
;YITDENPEVMIPFTNANYDSHPMLYFSRAEVAELQLRAASSHEHIAARLTEAVHTMLSSPLEYLPPWDPKDYSARWNEIF
GNNLGALAMFCVLYPENIEARDMAKDYMERMAAQPSWLVKDAPWDEVPLAHSLVGFATAYDFLYNYLSKTQQEKFLEVIA
NASGYMYETSYRRGWGFQYLHNHQPTNCMALLTGSLVLMNQGYLQEAYLWTKQVLTIMEKSLVLLREVTDGSLYEGVAYG
SYTTRSLFQYMFLVQRHFNINHFGHPWLKQHFAFMYRTILPGFQRTVAIADSNYNWFYGPESQLVFLDKFVMRNGSGNWL
ADQIRRNRVVEGPGTPSKGQRWCTLHTEFLWYDGSLKSVPPPDFGTPTLHYFEDWGVVTYGSALPAEINRSFLSFKSGKL
GGRAIYDIVHRNKYKDWIKGWRNFNAGHEHPDQNSFTFAPNGVPFITEALYGPKYTFFNNVLMFSPAVSKSCFSPWVGQV
TEDCSSKWSKYKHDLAASCQGRVVAAEEKNGVVFIRGEGVGAYNPQLNLKNVQRNLILLHPQLLLLVDQIHLGEESPLET
AASFFHNVDVPFEETVVDGVHGAFIRQRDGLYKMYWMDDTGYSEKATFASVTYPRGYPYNGTNYVNVTMHLRSPITRAAY
LFIGPSIDVQSFTVHGDSQQLDVFIATSKHAYATYLWTGEATGQSAFAQVIADRHKILFDRNSAIKSSIVPEVKDYAAIV
EQNLQHFKPVFQLLEKQILSRVRNTASFRKTAEHHHHHHHH
;
_entity_poly.pdbx_strand_id   A
#
# COMPACT_ATOMS: atom_id res chain seq x y z
N ILE A 2 16.35 13.94 18.97
CA ILE A 2 15.08 14.50 19.42
C ILE A 2 14.26 15.01 18.24
N THR A 3 14.92 15.23 17.11
CA THR A 3 14.30 15.80 15.93
C THR A 3 14.22 14.75 14.81
N ASP A 4 13.50 15.09 13.73
CA ASP A 4 13.41 14.22 12.58
C ASP A 4 14.23 14.73 11.41
N GLU A 5 15.28 15.51 11.68
CA GLU A 5 16.14 16.08 10.66
C GLU A 5 17.42 15.27 10.52
N ASN A 6 17.88 15.14 9.27
CA ASN A 6 19.21 14.60 8.97
C ASN A 6 20.00 15.67 8.23
N PRO A 7 20.85 16.42 8.92
CA PRO A 7 21.61 17.49 8.24
C PRO A 7 22.54 17.00 7.15
N GLU A 8 22.84 15.70 7.07
CA GLU A 8 23.78 15.18 6.10
C GLU A 8 23.15 14.87 4.75
N VAL A 9 21.82 14.98 4.63
CA VAL A 9 21.12 14.57 3.42
C VAL A 9 21.64 15.37 2.22
N MET A 10 21.73 14.69 1.08
CA MET A 10 22.34 15.28 -0.11
C MET A 10 21.30 16.02 -0.95
N ILE A 11 20.61 16.94 -0.29
CA ILE A 11 19.71 17.89 -0.96
C ILE A 11 20.09 19.30 -0.50
N PRO A 12 20.87 20.04 -1.27
CA PRO A 12 21.24 21.40 -0.85
C PRO A 12 20.03 22.31 -0.77
N PHE A 13 19.97 23.09 0.30
CA PHE A 13 19.06 24.22 0.40
C PHE A 13 19.52 25.30 -0.58
N THR A 14 18.82 25.45 -1.69
CA THR A 14 19.15 26.46 -2.68
C THR A 14 18.36 27.73 -2.39
N ASN A 15 19.04 28.87 -2.45
CA ASN A 15 18.36 30.13 -2.25
C ASN A 15 17.67 30.55 -3.54
N ALA A 16 16.52 31.18 -3.38
CA ALA A 16 15.64 31.46 -4.51
C ALA A 16 16.19 32.57 -5.38
N ASN A 17 15.88 32.50 -6.67
CA ASN A 17 16.26 33.54 -7.62
C ASN A 17 15.03 33.86 -8.45
N TYR A 18 14.55 35.10 -8.34
CA TYR A 18 13.35 35.52 -9.05
C TYR A 18 13.48 35.26 -10.54
N ASP A 19 12.48 34.57 -11.09
CA ASP A 19 12.34 34.40 -12.53
C ASP A 19 13.50 33.59 -13.12
N SER A 20 13.93 32.56 -12.40
CA SER A 20 14.95 31.64 -12.87
C SER A 20 14.34 30.26 -13.06
N HIS A 21 14.50 29.68 -14.25
CA HIS A 21 13.87 28.42 -14.62
C HIS A 21 14.88 27.52 -15.34
N PRO A 22 14.83 26.19 -15.09
CA PRO A 22 13.95 25.53 -14.13
C PRO A 22 14.38 25.80 -12.69
N MET A 23 13.63 25.34 -11.70
CA MET A 23 13.94 25.63 -10.30
C MET A 23 13.37 24.57 -9.37
N LEU A 24 12.31 23.89 -9.81
CA LEU A 24 11.56 22.99 -8.94
C LEU A 24 12.47 21.92 -8.35
N TYR A 25 12.97 21.02 -9.20
CA TYR A 25 13.82 19.93 -8.77
C TYR A 25 15.29 20.15 -9.06
N PHE A 26 15.61 21.04 -9.99
CA PHE A 26 16.97 21.31 -10.41
C PHE A 26 17.01 22.68 -11.05
N SER A 27 18.21 23.22 -11.17
CA SER A 27 18.43 24.53 -11.78
C SER A 27 18.93 24.37 -13.20
N ARG A 28 19.07 25.50 -13.90
CA ARG A 28 19.51 25.46 -15.29
C ARG A 28 20.96 25.00 -15.41
N ALA A 29 21.80 25.34 -14.44
CA ALA A 29 23.20 24.94 -14.51
C ALA A 29 23.39 23.44 -14.30
N GLU A 30 22.38 22.75 -13.77
CA GLU A 30 22.48 21.31 -13.52
C GLU A 30 21.94 20.47 -14.69
N VAL A 31 21.37 21.09 -15.72
CA VAL A 31 20.85 20.33 -16.84
C VAL A 31 21.96 19.58 -17.56
N ALA A 32 23.12 20.21 -17.72
CA ALA A 32 24.23 19.58 -18.44
C ALA A 32 24.65 18.28 -17.76
N GLU A 33 24.70 18.27 -16.42
CA GLU A 33 25.01 17.03 -15.72
C GLU A 33 23.90 16.00 -15.91
N LEU A 34 22.64 16.46 -15.92
CA LEU A 34 21.53 15.54 -16.16
C LEU A 34 21.65 14.85 -17.51
N GLN A 35 22.02 15.61 -18.55
CA GLN A 35 22.20 15.03 -19.87
C GLN A 35 23.38 14.07 -19.89
N LEU A 36 24.46 14.40 -19.18
CA LEU A 36 25.58 13.48 -19.05
C LEU A 36 25.15 12.19 -18.38
N ARG A 37 24.30 12.27 -17.35
CA ARG A 37 23.81 11.08 -16.68
C ARG A 37 23.00 10.20 -17.62
N ALA A 38 22.16 10.83 -18.46
CA ALA A 38 21.30 10.07 -19.35
C ALA A 38 22.10 9.21 -20.31
N ALA A 39 23.29 9.63 -20.68
CA ALA A 39 24.10 8.93 -21.67
C ALA A 39 25.07 7.93 -21.06
N SER A 40 25.17 7.83 -19.74
CA SER A 40 26.30 7.12 -19.15
C SER A 40 25.92 6.22 -17.98
N SER A 41 25.25 6.77 -16.98
CA SER A 41 24.96 6.05 -15.74
C SER A 41 23.48 5.95 -15.41
N HIS A 42 22.65 6.86 -15.92
CA HIS A 42 21.20 6.75 -15.82
C HIS A 42 20.60 6.26 -17.14
N GLU A 43 21.41 5.64 -18.00
CA GLU A 43 20.97 5.22 -19.32
C GLU A 43 19.76 4.30 -19.24
N HIS A 44 19.72 3.43 -18.22
CA HIS A 44 18.61 2.49 -18.11
C HIS A 44 17.31 3.15 -17.69
N ILE A 45 17.38 4.34 -17.08
CA ILE A 45 16.17 5.10 -16.78
C ILE A 45 15.81 6.03 -17.92
N ALA A 46 16.81 6.69 -18.52
CA ALA A 46 16.58 7.49 -19.72
C ALA A 46 15.93 6.66 -20.81
N ALA A 47 16.32 5.39 -20.92
CA ALA A 47 15.75 4.51 -21.93
C ALA A 47 14.27 4.24 -21.66
N ARG A 48 13.86 4.21 -20.39
CA ARG A 48 12.44 4.07 -20.10
C ARG A 48 11.67 5.31 -20.50
N LEU A 49 12.23 6.50 -20.22
CA LEU A 49 11.64 7.74 -20.69
C LEU A 49 11.57 7.78 -22.22
N THR A 50 12.65 7.35 -22.88
CA THR A 50 12.71 7.39 -24.34
C THR A 50 11.64 6.51 -24.96
N GLU A 51 11.44 5.31 -24.41
CA GLU A 51 10.42 4.41 -24.94
C GLU A 51 9.01 4.92 -24.69
N ALA A 52 8.79 5.54 -23.53
CA ALA A 52 7.50 6.17 -23.27
C ALA A 52 7.19 7.24 -24.31
N VAL A 53 8.13 8.14 -24.56
CA VAL A 53 7.89 9.26 -25.47
C VAL A 53 7.80 8.76 -26.92
N HIS A 54 8.66 7.82 -27.30
CA HIS A 54 8.53 7.23 -28.63
C HIS A 54 7.18 6.56 -28.83
N THR A 55 6.61 6.00 -27.76
CA THR A 55 5.26 5.46 -27.86
C THR A 55 4.25 6.56 -28.12
N MET A 56 4.35 7.67 -27.39
CA MET A 56 3.43 8.79 -27.59
C MET A 56 3.63 9.41 -28.98
N LEU A 57 4.88 9.57 -29.41
CA LEU A 57 5.13 10.18 -30.71
C LEU A 57 4.63 9.31 -31.85
N SER A 58 4.56 7.99 -31.65
CA SER A 58 4.06 7.10 -32.70
C SER A 58 2.54 7.12 -32.81
N SER A 59 1.84 7.59 -31.78
CA SER A 59 0.38 7.71 -31.80
C SER A 59 -0.02 8.98 -31.06
N PRO A 60 0.34 10.16 -31.61
CA PRO A 60 0.08 11.40 -30.88
C PRO A 60 -1.39 11.66 -30.60
N LEU A 61 -2.27 11.38 -31.56
CA LEU A 61 -3.68 11.66 -31.35
C LEU A 61 -4.30 10.72 -30.33
N GLU A 62 -3.69 9.56 -30.07
CA GLU A 62 -4.18 8.68 -29.02
C GLU A 62 -3.81 9.19 -27.63
N TYR A 63 -2.72 9.94 -27.53
CA TYR A 63 -2.18 10.37 -26.23
C TYR A 63 -2.41 11.84 -25.90
N LEU A 64 -2.70 12.67 -26.88
CA LEU A 64 -2.92 14.08 -26.60
C LEU A 64 -4.28 14.28 -25.93
N PRO A 65 -4.35 15.16 -24.94
CA PRO A 65 -5.65 15.48 -24.31
C PRO A 65 -6.58 16.13 -25.32
N PRO A 66 -7.86 15.77 -25.30
CA PRO A 66 -8.81 16.35 -26.26
C PRO A 66 -8.99 17.85 -26.04
N TRP A 67 -9.12 18.58 -27.14
CA TRP A 67 -9.51 19.98 -27.04
C TRP A 67 -10.92 20.12 -26.47
N ASP A 68 -11.82 19.25 -26.91
CA ASP A 68 -13.22 19.25 -26.50
C ASP A 68 -13.34 19.00 -25.00
N PRO A 69 -13.85 19.95 -24.22
CA PRO A 69 -13.96 19.73 -22.76
C PRO A 69 -14.86 18.56 -22.41
N LYS A 70 -15.89 18.28 -23.21
CA LYS A 70 -16.75 17.14 -22.92
C LYS A 70 -15.99 15.83 -23.04
N ASP A 71 -15.03 15.75 -23.97
CA ASP A 71 -14.18 14.57 -24.07
C ASP A 71 -13.09 14.58 -23.02
N TYR A 72 -12.48 15.74 -22.79
CA TYR A 72 -11.40 15.85 -21.80
C TYR A 72 -11.85 15.35 -20.43
N SER A 73 -13.03 15.76 -19.99
CA SER A 73 -13.49 15.53 -18.62
C SER A 73 -14.41 14.33 -18.49
N ALA A 74 -14.60 13.55 -19.56
CA ALA A 74 -15.60 12.49 -19.54
C ALA A 74 -15.21 11.30 -18.66
N ARG A 75 -13.91 11.05 -18.52
CA ARG A 75 -13.40 9.86 -17.87
C ARG A 75 -12.31 10.27 -16.89
N TRP A 76 -12.04 9.40 -15.91
CA TRP A 76 -10.88 9.58 -15.05
C TRP A 76 -9.65 9.84 -15.90
N ASN A 77 -9.04 11.01 -15.72
CA ASN A 77 -8.10 11.51 -16.73
C ASN A 77 -6.74 11.87 -16.13
N GLU A 78 -6.30 11.16 -15.09
CA GLU A 78 -4.97 11.42 -14.55
C GLU A 78 -3.86 11.14 -15.57
N ILE A 79 -4.16 10.36 -16.61
CA ILE A 79 -3.14 10.01 -17.60
C ILE A 79 -2.57 11.25 -18.27
N PHE A 80 -3.36 12.32 -18.36
CA PHE A 80 -2.91 13.53 -19.03
C PHE A 80 -1.71 14.15 -18.29
N GLY A 81 -1.89 14.49 -17.02
CA GLY A 81 -0.79 15.06 -16.26
C GLY A 81 0.34 14.06 -16.04
N ASN A 82 -0.02 12.80 -15.79
CA ASN A 82 1.01 11.79 -15.52
C ASN A 82 1.98 11.65 -16.69
N ASN A 83 1.46 11.52 -17.90
CA ASN A 83 2.32 11.34 -19.07
C ASN A 83 3.05 12.64 -19.43
N LEU A 84 2.46 13.80 -19.10
CA LEU A 84 3.13 15.06 -19.42
C LEU A 84 4.44 15.20 -18.66
N GLY A 85 4.47 14.74 -17.40
CA GLY A 85 5.71 14.80 -16.63
C GLY A 85 6.85 14.05 -17.31
N ALA A 86 6.56 12.83 -17.79
CA ALA A 86 7.57 12.05 -18.49
C ALA A 86 7.99 12.74 -19.79
N LEU A 87 7.03 13.26 -20.54
CA LEU A 87 7.35 13.97 -21.79
C LEU A 87 8.23 15.18 -21.52
N ALA A 88 7.88 15.97 -20.50
CA ALA A 88 8.63 17.19 -20.19
C ALA A 88 10.07 16.87 -19.80
N MET A 89 10.27 15.83 -18.98
CA MET A 89 11.64 15.45 -18.62
C MET A 89 12.41 15.01 -19.85
N PHE A 90 11.76 14.28 -20.76
CA PHE A 90 12.43 13.89 -22.00
C PHE A 90 12.90 15.12 -22.77
N CYS A 91 12.07 16.14 -22.85
CA CYS A 91 12.45 17.35 -23.59
C CYS A 91 13.59 18.08 -22.92
N VAL A 92 13.73 17.97 -21.60
CA VAL A 92 14.87 18.57 -20.91
C VAL A 92 16.15 17.83 -21.28
N LEU A 93 16.10 16.49 -21.26
CA LEU A 93 17.30 15.71 -21.51
C LEU A 93 17.69 15.71 -22.99
N TYR A 94 16.72 15.84 -23.89
CA TYR A 94 16.97 15.74 -25.33
C TYR A 94 16.39 16.94 -26.06
N PRO A 95 16.94 18.13 -25.82
CA PRO A 95 16.36 19.34 -26.43
C PRO A 95 16.47 19.39 -27.95
N GLU A 96 17.34 18.58 -28.55
CA GLU A 96 17.48 18.61 -29.99
C GLU A 96 16.36 17.88 -30.72
N ASN A 97 15.46 17.21 -29.98
CA ASN A 97 14.31 16.52 -30.58
C ASN A 97 13.17 17.54 -30.71
N ILE A 98 13.08 18.15 -31.89
CA ILE A 98 12.09 19.21 -32.11
C ILE A 98 10.68 18.63 -32.06
N GLU A 99 10.49 17.45 -32.66
CA GLU A 99 9.17 16.83 -32.71
C GLU A 99 8.59 16.61 -31.31
N ALA A 100 9.44 16.23 -30.35
CA ALA A 100 8.95 16.01 -28.99
C ALA A 100 8.65 17.31 -28.28
N ARG A 101 9.47 18.35 -28.49
CA ARG A 101 9.19 19.65 -27.89
C ARG A 101 7.89 20.24 -28.44
N ASP A 102 7.67 20.11 -29.76
CA ASP A 102 6.44 20.59 -30.34
C ASP A 102 5.23 19.83 -29.80
N MET A 103 5.38 18.53 -29.55
CA MET A 103 4.27 17.77 -28.97
C MET A 103 4.00 18.22 -27.54
N ALA A 104 5.05 18.53 -26.78
CA ALA A 104 4.87 18.98 -25.41
C ALA A 104 4.12 20.31 -25.36
N LYS A 105 4.48 21.25 -26.23
CA LYS A 105 3.75 22.50 -26.31
C LYS A 105 2.28 22.25 -26.64
N ASP A 106 2.03 21.41 -27.65
CA ASP A 106 0.66 21.07 -28.03
C ASP A 106 -0.10 20.46 -26.86
N TYR A 107 0.52 19.48 -26.20
CA TYR A 107 -0.06 18.83 -25.03
C TYR A 107 -0.48 19.85 -23.98
N MET A 108 0.42 20.79 -23.65
CA MET A 108 0.11 21.79 -22.64
C MET A 108 -1.00 22.73 -23.10
N GLU A 109 -1.02 23.07 -24.39
CA GLU A 109 -2.08 23.94 -24.91
C GLU A 109 -3.44 23.28 -24.76
N ARG A 110 -3.52 21.98 -25.04
CA ARG A 110 -4.78 21.28 -24.92
C ARG A 110 -5.29 21.26 -23.49
N MET A 111 -4.37 21.15 -22.52
CA MET A 111 -4.77 21.18 -21.11
C MET A 111 -5.15 22.60 -20.68
N ALA A 112 -4.39 23.60 -21.14
CA ALA A 112 -4.63 24.99 -20.76
C ALA A 112 -5.96 25.52 -21.29
N ALA A 113 -6.51 24.90 -22.33
CA ALA A 113 -7.78 25.34 -22.90
C ALA A 113 -8.98 24.87 -22.09
N GLN A 114 -8.78 24.02 -21.11
CA GLN A 114 -9.89 23.38 -20.42
C GLN A 114 -10.57 24.34 -19.47
N PRO A 115 -11.91 24.39 -19.47
CA PRO A 115 -12.61 25.17 -18.45
C PRO A 115 -12.51 24.56 -17.06
N SER A 116 -12.22 23.26 -16.95
CA SER A 116 -12.16 22.61 -15.66
C SER A 116 -11.30 21.36 -15.76
N TRP A 117 -10.54 21.08 -14.70
CA TRP A 117 -9.76 19.85 -14.58
C TRP A 117 -10.40 18.85 -13.64
N LEU A 118 -11.68 19.01 -13.34
CA LEU A 118 -12.44 18.00 -12.62
C LEU A 118 -13.07 17.02 -13.60
N VAL A 119 -13.25 15.77 -13.14
CA VAL A 119 -13.88 14.73 -13.95
C VAL A 119 -15.39 14.84 -13.79
N LYS A 120 -16.11 14.60 -14.89
CA LYS A 120 -17.46 15.14 -15.06
C LYS A 120 -18.42 14.75 -13.94
N ASP A 121 -18.39 13.49 -13.51
CA ASP A 121 -19.31 13.06 -12.46
C ASP A 121 -18.60 12.79 -11.13
N ALA A 122 -17.47 13.47 -10.92
CA ALA A 122 -16.81 13.52 -9.61
C ALA A 122 -16.54 14.99 -9.25
N PRO A 123 -17.58 15.79 -9.06
CA PRO A 123 -17.36 17.22 -8.80
C PRO A 123 -16.63 17.50 -7.50
N TRP A 124 -16.82 16.67 -6.48
CA TRP A 124 -16.23 16.91 -5.16
C TRP A 124 -14.93 16.13 -4.93
N ASP A 125 -14.28 15.68 -6.00
CA ASP A 125 -13.02 14.95 -5.90
C ASP A 125 -11.97 15.72 -6.66
N GLU A 126 -10.96 16.23 -5.94
CA GLU A 126 -9.95 17.09 -6.54
C GLU A 126 -8.72 16.32 -7.03
N VAL A 127 -8.67 15.00 -6.82
CA VAL A 127 -7.49 14.23 -7.23
C VAL A 127 -7.22 14.34 -8.73
N PRO A 128 -8.22 14.27 -9.63
CA PRO A 128 -7.90 14.52 -11.04
C PRO A 128 -7.33 15.91 -11.29
N LEU A 129 -7.82 16.92 -10.59
CA LEU A 129 -7.22 18.25 -10.69
C LEU A 129 -5.78 18.22 -10.20
N ALA A 130 -5.51 17.43 -9.17
CA ALA A 130 -4.15 17.33 -8.64
C ALA A 130 -3.19 16.77 -9.69
N HIS A 131 -3.60 15.70 -10.37
CA HIS A 131 -2.73 15.08 -11.36
C HIS A 131 -2.47 16.01 -12.54
N SER A 132 -3.53 16.68 -13.03
CA SER A 132 -3.34 17.64 -14.12
C SER A 132 -2.45 18.79 -13.69
N LEU A 133 -2.64 19.30 -12.47
CA LEU A 133 -1.91 20.49 -12.04
C LEU A 133 -0.44 20.19 -11.81
N VAL A 134 -0.13 19.11 -11.08
CA VAL A 134 1.27 18.83 -10.77
C VAL A 134 2.04 18.48 -12.05
N GLY A 135 1.39 17.79 -13.00
CA GLY A 135 2.05 17.52 -14.26
C GLY A 135 2.21 18.75 -15.11
N PHE A 136 1.17 19.58 -15.19
CA PHE A 136 1.23 20.82 -15.96
C PHE A 136 2.26 21.78 -15.39
N ALA A 137 2.28 21.95 -14.06
CA ALA A 137 3.22 22.88 -13.44
C ALA A 137 4.65 22.39 -13.53
N THR A 138 4.86 21.07 -13.44
CA THR A 138 6.19 20.51 -13.65
C THR A 138 6.68 20.82 -15.07
N ALA A 139 5.84 20.53 -16.07
CA ALA A 139 6.20 20.82 -17.45
C ALA A 139 6.48 22.30 -17.65
N TYR A 140 5.67 23.16 -17.04
CA TYR A 140 5.91 24.60 -17.11
C TYR A 140 7.30 24.95 -16.61
N ASP A 141 7.68 24.41 -15.44
CA ASP A 141 9.01 24.65 -14.90
C ASP A 141 10.09 24.07 -15.81
N PHE A 142 9.90 22.81 -16.24
CA PHE A 142 10.92 22.13 -17.03
C PHE A 142 11.17 22.83 -18.36
N LEU A 143 10.10 23.31 -19.00
CA LEU A 143 10.17 23.77 -20.39
C LEU A 143 10.09 25.28 -20.54
N TYR A 144 10.06 26.02 -19.44
CA TYR A 144 9.79 27.46 -19.46
C TYR A 144 10.56 28.21 -20.55
N ASN A 145 11.84 27.92 -20.70
CA ASN A 145 12.68 28.67 -21.63
C ASN A 145 12.43 28.33 -23.09
N TYR A 146 11.66 27.28 -23.37
CA TYR A 146 11.29 26.93 -24.73
C TYR A 146 9.93 27.50 -25.13
N LEU A 147 9.14 27.98 -24.18
CA LEU A 147 7.82 28.49 -24.47
C LEU A 147 7.88 29.92 -25.00
N SER A 148 6.86 30.30 -25.76
CA SER A 148 6.71 31.68 -26.16
C SER A 148 6.33 32.54 -24.96
N LYS A 149 6.46 33.86 -25.11
CA LYS A 149 6.04 34.77 -24.05
C LYS A 149 4.57 34.58 -23.73
N THR A 150 3.74 34.46 -24.77
CA THR A 150 2.31 34.23 -24.60
C THR A 150 2.04 32.99 -23.76
N GLN A 151 2.69 31.87 -24.11
CA GLN A 151 2.49 30.64 -23.35
C GLN A 151 2.99 30.80 -21.91
N GLN A 152 4.12 31.50 -21.73
CA GLN A 152 4.64 31.73 -20.38
C GLN A 152 3.62 32.44 -19.51
N GLU A 153 2.91 33.42 -20.08
CA GLU A 153 1.91 34.15 -19.31
C GLU A 153 0.61 33.34 -19.18
N LYS A 154 0.08 32.86 -20.30
CA LYS A 154 -1.20 32.16 -20.27
C LYS A 154 -1.15 30.90 -19.41
N PHE A 155 -0.07 30.13 -19.51
CA PHE A 155 0.05 28.92 -18.71
C PHE A 155 0.20 29.24 -17.23
N LEU A 156 0.82 30.38 -16.89
CA LEU A 156 0.93 30.77 -15.48
C LEU A 156 -0.45 31.05 -14.89
N GLU A 157 -1.32 31.72 -15.64
CA GLU A 157 -2.67 31.98 -15.17
C GLU A 157 -3.44 30.68 -14.94
N VAL A 158 -3.19 29.66 -15.79
CA VAL A 158 -3.85 28.38 -15.62
C VAL A 158 -3.38 27.70 -14.32
N ILE A 159 -2.08 27.77 -14.05
CA ILE A 159 -1.55 27.21 -12.81
C ILE A 159 -2.12 27.95 -11.60
N ALA A 160 -2.26 29.28 -11.70
CA ALA A 160 -2.79 30.06 -10.59
C ALA A 160 -4.25 29.73 -10.32
N ASN A 161 -5.04 29.58 -11.38
CA ASN A 161 -6.46 29.28 -11.24
C ASN A 161 -6.66 27.91 -10.61
N ALA A 162 -5.98 26.90 -11.15
CA ALA A 162 -6.10 25.55 -10.61
C ALA A 162 -5.59 25.47 -9.17
N SER A 163 -4.46 26.13 -8.89
CA SER A 163 -3.92 26.12 -7.53
C SER A 163 -4.83 26.87 -6.57
N GLY A 164 -5.40 27.99 -7.01
CA GLY A 164 -6.33 28.71 -6.16
C GLY A 164 -7.58 27.92 -5.84
N TYR A 165 -8.07 27.15 -6.81
CA TYR A 165 -9.22 26.29 -6.55
C TYR A 165 -8.88 25.19 -5.55
N MET A 166 -7.70 24.55 -5.71
CA MET A 166 -7.29 23.53 -4.77
C MET A 166 -7.15 24.09 -3.37
N TYR A 167 -6.63 25.32 -3.25
CA TYR A 167 -6.51 25.96 -1.95
C TYR A 167 -7.87 26.15 -1.30
N GLU A 168 -8.85 26.67 -2.05
CA GLU A 168 -10.17 26.91 -1.49
C GLU A 168 -10.84 25.62 -1.04
N THR A 169 -10.64 24.53 -1.77
CA THR A 169 -11.27 23.27 -1.38
C THR A 169 -10.59 22.62 -0.19
N SER A 170 -9.36 23.00 0.13
CA SER A 170 -8.68 22.42 1.29
C SER A 170 -9.39 22.74 2.60
N TYR A 171 -10.19 23.80 2.62
CA TYR A 171 -10.97 24.17 3.80
C TYR A 171 -12.35 23.55 3.81
N ARG A 172 -12.74 22.82 2.76
CA ARG A 172 -14.10 22.33 2.62
C ARG A 172 -14.19 20.84 2.31
N ARG A 173 -13.09 20.09 2.42
CA ARG A 173 -13.09 18.69 2.03
C ARG A 173 -12.35 17.84 3.06
N GLY A 174 -12.68 16.55 3.06
CA GLY A 174 -12.07 15.65 4.02
C GLY A 174 -10.56 15.60 3.92
N TRP A 175 -10.02 15.76 2.71
CA TRP A 175 -8.58 15.61 2.54
C TRP A 175 -7.80 16.71 3.26
N GLY A 176 -8.43 17.84 3.56
CA GLY A 176 -7.78 18.87 4.34
C GLY A 176 -7.54 18.50 5.80
N PHE A 177 -8.24 17.48 6.32
CA PHE A 177 -8.09 17.14 7.73
C PHE A 177 -8.10 15.63 8.01
N GLN A 178 -7.98 14.79 6.98
CA GLN A 178 -7.88 13.34 7.18
C GLN A 178 -6.42 12.96 6.97
N TYR A 179 -5.67 12.98 8.06
CA TYR A 179 -4.22 12.86 7.97
C TYR A 179 -3.81 11.47 7.50
N LEU A 180 -2.76 11.44 6.67
CA LEU A 180 -2.11 10.24 6.15
C LEU A 180 -3.01 9.42 5.23
N HIS A 181 -4.20 9.92 4.91
CA HIS A 181 -4.99 9.36 3.83
C HIS A 181 -4.41 9.84 2.50
N ASN A 182 -4.35 8.93 1.51
CA ASN A 182 -3.58 9.18 0.31
C ASN A 182 -4.04 10.44 -0.43
N HIS A 183 -5.31 10.82 -0.28
CA HIS A 183 -5.78 12.04 -0.93
C HIS A 183 -5.07 13.28 -0.43
N GLN A 184 -4.64 13.26 0.85
CA GLN A 184 -4.10 14.48 1.44
C GLN A 184 -2.73 14.86 0.89
N PRO A 185 -1.73 13.97 0.85
CA PRO A 185 -0.46 14.37 0.22
C PRO A 185 -0.58 14.59 -1.29
N THR A 186 -1.50 13.88 -1.96
CA THR A 186 -1.67 14.07 -3.40
C THR A 186 -2.17 15.48 -3.70
N ASN A 187 -3.25 15.90 -3.05
CA ASN A 187 -3.79 17.23 -3.32
C ASN A 187 -2.88 18.32 -2.76
N CYS A 188 -2.19 18.06 -1.64
CA CYS A 188 -1.26 19.05 -1.10
C CYS A 188 -0.10 19.29 -2.05
N MET A 189 0.47 18.22 -2.62
CA MET A 189 1.65 18.35 -3.45
C MET A 189 1.36 19.12 -4.73
N ALA A 190 0.17 18.92 -5.32
CA ALA A 190 -0.20 19.70 -6.49
C ALA A 190 -0.29 21.19 -6.16
N LEU A 191 -0.85 21.52 -4.99
CA LEU A 191 -0.94 22.91 -4.58
C LEU A 191 0.44 23.49 -4.33
N LEU A 192 1.32 22.73 -3.67
CA LEU A 192 2.66 23.22 -3.38
C LEU A 192 3.47 23.44 -4.66
N THR A 193 3.27 22.58 -5.66
CA THR A 193 4.02 22.71 -6.89
C THR A 193 3.60 23.97 -7.66
N GLY A 194 2.29 24.17 -7.82
CA GLY A 194 1.81 25.42 -8.37
C GLY A 194 2.26 26.63 -7.57
N SER A 195 2.30 26.48 -6.24
CA SER A 195 2.72 27.60 -5.38
C SER A 195 4.19 27.94 -5.58
N LEU A 196 5.04 26.92 -5.77
CA LEU A 196 6.46 27.20 -6.00
C LEU A 196 6.67 27.87 -7.35
N VAL A 197 5.89 27.48 -8.36
CA VAL A 197 6.00 28.13 -9.66
C VAL A 197 5.58 29.59 -9.58
N LEU A 198 4.54 29.87 -8.80
CA LEU A 198 4.07 31.25 -8.66
C LEU A 198 5.02 32.06 -7.80
N MET A 199 5.50 31.47 -6.69
CA MET A 199 6.49 32.12 -5.84
C MET A 199 7.68 32.60 -6.66
N ASN A 200 8.22 31.72 -7.51
CA ASN A 200 9.42 32.04 -8.29
C ASN A 200 9.17 33.18 -9.27
N GLN A 201 7.94 33.37 -9.71
CA GLN A 201 7.59 34.42 -10.65
C GLN A 201 7.10 35.69 -9.97
N GLY A 202 7.21 35.77 -8.64
CA GLY A 202 6.92 36.99 -7.92
C GLY A 202 5.53 37.12 -7.37
N TYR A 203 4.67 36.11 -7.55
CA TYR A 203 3.31 36.18 -7.04
C TYR A 203 3.27 35.66 -5.61
N LEU A 204 3.80 36.49 -4.71
CA LEU A 204 4.10 36.07 -3.36
C LEU A 204 2.87 36.10 -2.45
N GLN A 205 1.88 36.95 -2.75
CA GLN A 205 0.71 37.03 -1.90
C GLN A 205 -0.09 35.72 -1.92
N GLU A 206 -0.42 35.24 -3.12
CA GLU A 206 -1.14 33.97 -3.23
C GLU A 206 -0.28 32.81 -2.78
N ALA A 207 0.98 32.78 -3.22
CA ALA A 207 1.85 31.65 -2.93
C ALA A 207 2.16 31.53 -1.45
N TYR A 208 2.13 32.63 -0.70
CA TYR A 208 2.35 32.55 0.74
C TYR A 208 1.19 31.85 1.45
N LEU A 209 -0.04 32.25 1.11
CA LEU A 209 -1.22 31.59 1.69
C LEU A 209 -1.24 30.11 1.37
N TRP A 210 -1.01 29.78 0.09
CA TRP A 210 -1.05 28.38 -0.33
C TRP A 210 0.05 27.57 0.35
N THR A 211 1.27 28.11 0.36
CA THR A 211 2.39 27.40 0.99
C THR A 211 2.14 27.19 2.47
N LYS A 212 1.70 28.24 3.17
CA LYS A 212 1.43 28.11 4.60
C LYS A 212 0.38 27.04 4.88
N GLN A 213 -0.62 26.93 4.01
CA GLN A 213 -1.67 25.94 4.23
C GLN A 213 -1.16 24.53 3.97
N VAL A 214 -0.36 24.34 2.92
CA VAL A 214 0.15 23.01 2.60
C VAL A 214 1.06 22.51 3.72
N LEU A 215 1.99 23.36 4.16
CA LEU A 215 2.94 22.94 5.19
C LEU A 215 2.24 22.61 6.49
N THR A 216 1.23 23.40 6.88
CA THR A 216 0.52 23.14 8.13
C THR A 216 -0.12 21.75 8.10
N ILE A 217 -0.85 21.45 7.02
CA ILE A 217 -1.49 20.13 6.91
C ILE A 217 -0.44 19.03 6.93
N MET A 218 0.57 19.14 6.05
CA MET A 218 1.53 18.06 5.88
C MET A 218 2.41 17.89 7.10
N GLU A 219 2.89 18.99 7.69
CA GLU A 219 3.78 18.89 8.85
C GLU A 219 3.07 18.20 10.01
N LYS A 220 1.76 18.43 10.16
CA LYS A 220 1.00 17.73 11.19
C LYS A 220 1.00 16.22 10.92
N SER A 221 0.72 15.82 9.69
CA SER A 221 0.66 14.40 9.35
C SER A 221 2.01 13.73 9.55
N LEU A 222 3.11 14.45 9.30
CA LEU A 222 4.43 13.86 9.48
C LEU A 222 4.75 13.65 10.97
N VAL A 223 4.27 14.53 11.83
CA VAL A 223 4.41 14.31 13.27
C VAL A 223 3.65 13.06 13.69
N LEU A 224 2.41 12.92 13.20
CA LEU A 224 1.62 11.72 13.50
C LEU A 224 2.28 10.48 12.93
N LEU A 225 2.91 10.59 11.75
CA LEU A 225 3.55 9.45 11.11
C LEU A 225 4.72 8.91 11.92
N ARG A 226 5.27 9.71 12.84
CA ARG A 226 6.37 9.24 13.67
C ARG A 226 5.96 8.07 14.55
N GLU A 227 4.67 7.91 14.84
CA GLU A 227 4.21 6.82 15.69
C GLU A 227 4.09 5.49 14.94
N VAL A 228 4.16 5.51 13.61
CA VAL A 228 4.08 4.28 12.81
C VAL A 228 5.51 3.73 12.74
N THR A 229 5.83 2.84 13.68
CA THR A 229 7.20 2.41 13.90
C THR A 229 7.72 1.40 12.89
N ASP A 230 6.83 0.75 12.13
CA ASP A 230 7.27 -0.36 11.27
C ASP A 230 7.46 0.04 9.81
N GLY A 231 7.32 1.33 9.47
CA GLY A 231 7.51 1.78 8.11
C GLY A 231 6.34 1.54 7.18
N SER A 232 5.21 1.06 7.69
CA SER A 232 4.09 0.67 6.85
C SER A 232 3.10 1.82 6.68
N LEU A 233 2.06 1.57 5.89
CA LEU A 233 0.93 2.48 5.74
C LEU A 233 -0.33 1.64 5.76
N TYR A 234 -1.31 2.06 6.56
CA TYR A 234 -2.47 1.22 6.83
C TYR A 234 -3.32 0.95 5.60
N GLU A 235 -3.17 1.74 4.54
CA GLU A 235 -3.95 1.54 3.33
C GLU A 235 -3.36 0.48 2.41
N GLY A 236 -2.22 -0.10 2.77
CA GLY A 236 -1.63 -1.18 2.00
C GLY A 236 -0.52 -0.72 1.08
N VAL A 237 0.09 -1.70 0.41
CA VAL A 237 1.26 -1.44 -0.41
C VAL A 237 0.90 -0.59 -1.63
N ALA A 238 -0.26 -0.87 -2.25
CA ALA A 238 -0.61 -0.17 -3.48
C ALA A 238 -0.96 1.29 -3.21
N TYR A 239 -1.93 1.53 -2.33
CA TYR A 239 -2.25 2.91 -1.99
C TYR A 239 -1.11 3.58 -1.24
N GLY A 240 -0.31 2.80 -0.51
CA GLY A 240 0.88 3.36 0.12
C GLY A 240 1.85 3.95 -0.88
N SER A 241 2.00 3.30 -2.04
CA SER A 241 2.84 3.86 -3.09
C SER A 241 2.24 5.14 -3.66
N TYR A 242 0.90 5.24 -3.65
CA TYR A 242 0.24 6.49 -3.99
C TYR A 242 0.63 7.59 -3.01
N THR A 243 0.61 7.27 -1.72
CA THR A 243 0.93 8.25 -0.69
C THR A 243 2.38 8.69 -0.78
N THR A 244 3.31 7.72 -0.88
CA THR A 244 4.74 8.04 -0.85
C THR A 244 5.18 8.80 -2.09
N ARG A 245 4.49 8.61 -3.22
CA ARG A 245 4.81 9.38 -4.42
C ARG A 245 4.79 10.87 -4.12
N SER A 246 3.77 11.32 -3.40
CA SER A 246 3.64 12.72 -3.02
C SER A 246 4.38 13.06 -1.73
N LEU A 247 4.40 12.15 -0.77
CA LEU A 247 5.16 12.40 0.47
C LEU A 247 6.63 12.62 0.17
N PHE A 248 7.20 11.79 -0.70
CA PHE A 248 8.63 11.91 -1.00
C PHE A 248 8.91 13.18 -1.79
N GLN A 249 8.00 13.57 -2.69
CA GLN A 249 8.11 14.86 -3.34
C GLN A 249 8.09 15.99 -2.32
N TYR A 250 7.18 15.91 -1.34
CA TYR A 250 7.10 16.94 -0.31
C TYR A 250 8.41 17.06 0.45
N MET A 251 8.93 15.93 0.94
CA MET A 251 10.18 15.95 1.71
C MET A 251 11.33 16.52 0.89
N PHE A 252 11.41 16.16 -0.40
CA PHE A 252 12.49 16.70 -1.24
C PHE A 252 12.33 18.20 -1.46
N LEU A 253 11.15 18.62 -1.92
CA LEU A 253 10.97 20.00 -2.35
C LEU A 253 11.06 20.97 -1.18
N VAL A 254 10.41 20.62 -0.07
CA VAL A 254 10.36 21.47 1.09
C VAL A 254 11.73 21.62 1.74
N GLN A 255 12.63 20.66 1.52
CA GLN A 255 14.01 20.80 1.98
C GLN A 255 14.82 21.67 1.02
N ARG A 256 14.70 21.42 -0.28
CA ARG A 256 15.44 22.19 -1.27
C ARG A 256 15.07 23.67 -1.21
N HIS A 257 13.78 23.97 -1.02
CA HIS A 257 13.30 25.34 -1.17
C HIS A 257 13.15 26.07 0.15
N PHE A 258 12.91 25.35 1.25
CA PHE A 258 12.67 25.99 2.53
C PHE A 258 13.58 25.49 3.66
N ASN A 259 14.49 24.57 3.37
CA ASN A 259 15.40 23.98 4.37
C ASN A 259 14.64 23.31 5.50
N ILE A 260 13.44 22.80 5.24
CA ILE A 260 12.72 21.97 6.20
C ILE A 260 13.14 20.53 5.96
N ASN A 261 13.85 19.96 6.93
CA ASN A 261 14.52 18.68 6.79
C ASN A 261 13.72 17.61 7.51
N HIS A 262 13.28 16.58 6.78
CA HIS A 262 12.55 15.46 7.37
C HIS A 262 13.27 14.13 7.20
N PHE A 263 14.55 14.15 6.84
CA PHE A 263 15.20 12.92 6.40
C PHE A 263 15.82 12.13 7.55
N GLY A 264 15.66 12.58 8.78
CA GLY A 264 15.89 11.76 9.94
C GLY A 264 14.63 11.16 10.52
N HIS A 265 13.53 11.23 9.79
CA HIS A 265 12.24 10.77 10.29
C HIS A 265 12.29 9.27 10.62
N PRO A 266 11.78 8.85 11.78
CA PRO A 266 11.90 7.43 12.15
C PRO A 266 11.10 6.50 11.26
N TRP A 267 9.90 6.91 10.82
CA TRP A 267 9.14 6.08 9.90
C TRP A 267 9.88 5.88 8.58
N LEU A 268 10.55 6.93 8.10
CA LEU A 268 11.24 6.89 6.82
C LEU A 268 12.35 5.84 6.82
N LYS A 269 13.08 5.68 7.93
CA LYS A 269 14.19 4.73 7.98
C LYS A 269 13.73 3.29 8.14
N GLN A 270 12.44 3.06 8.40
CA GLN A 270 11.88 1.71 8.39
C GLN A 270 11.18 1.38 7.08
N HIS A 271 10.98 2.37 6.20
CA HIS A 271 10.04 2.19 5.10
C HIS A 271 10.52 1.16 4.08
N PHE A 272 11.83 0.91 4.02
CA PHE A 272 12.35 -0.11 3.11
C PHE A 272 11.71 -1.47 3.37
N ALA A 273 11.49 -1.78 4.66
CA ALA A 273 10.86 -3.05 5.02
C ALA A 273 9.49 -3.21 4.39
N PHE A 274 8.73 -2.10 4.29
CA PHE A 274 7.39 -2.14 3.73
C PHE A 274 7.38 -2.51 2.25
N MET A 275 8.48 -2.29 1.53
CA MET A 275 8.53 -2.67 0.12
C MET A 275 9.38 -3.91 -0.13
N TYR A 276 10.29 -4.22 0.79
CA TYR A 276 11.12 -5.42 0.66
C TYR A 276 10.39 -6.66 1.15
N ARG A 277 9.54 -6.53 2.17
CA ARG A 277 8.92 -7.67 2.84
C ARG A 277 7.48 -7.94 2.41
N THR A 278 6.92 -7.14 1.50
CA THR A 278 5.58 -7.35 1.01
C THR A 278 5.55 -7.85 -0.42
N ILE A 279 6.72 -8.15 -0.99
CA ILE A 279 6.87 -8.52 -2.39
C ILE A 279 6.97 -10.04 -2.46
N LEU A 280 6.22 -10.63 -3.40
CA LEU A 280 6.12 -12.07 -3.52
C LEU A 280 7.26 -12.63 -4.35
N PRO A 281 7.54 -13.93 -4.25
CA PRO A 281 8.60 -14.54 -5.07
C PRO A 281 8.45 -14.20 -6.55
N GLY A 282 9.53 -13.72 -7.16
CA GLY A 282 9.54 -13.33 -8.55
C GLY A 282 9.50 -11.83 -8.78
N PHE A 283 9.27 -11.05 -7.73
CA PHE A 283 9.35 -9.59 -7.79
C PHE A 283 8.32 -8.98 -8.74
N GLN A 284 7.15 -9.61 -8.86
CA GLN A 284 6.10 -9.08 -9.73
C GLN A 284 4.87 -8.63 -8.97
N ARG A 285 4.57 -9.27 -7.84
CA ARG A 285 3.34 -9.03 -7.12
C ARG A 285 3.64 -8.69 -5.67
N THR A 286 2.67 -8.05 -5.03
CA THR A 286 2.73 -7.77 -3.61
C THR A 286 1.58 -8.48 -2.91
N VAL A 287 1.62 -8.42 -1.57
CA VAL A 287 0.67 -9.18 -0.75
C VAL A 287 -0.76 -8.73 -1.01
N ALA A 288 -0.95 -7.49 -1.49
CA ALA A 288 -2.22 -7.00 -2.01
C ALA A 288 -3.32 -7.00 -0.95
N ILE A 289 -2.96 -6.67 0.29
CA ILE A 289 -3.94 -6.45 1.33
C ILE A 289 -4.67 -5.12 1.07
N ALA A 290 -5.94 -5.07 1.49
CA ALA A 290 -6.80 -3.89 1.33
C ALA A 290 -7.11 -3.59 -0.14
N ASP A 291 -7.67 -2.43 -0.41
CA ASP A 291 -7.95 -2.01 -1.79
C ASP A 291 -6.63 -1.88 -2.55
N SER A 292 -6.42 -2.76 -3.51
CA SER A 292 -5.11 -2.88 -4.13
C SER A 292 -5.24 -3.43 -5.55
N ASN A 293 -4.22 -3.19 -6.35
CA ASN A 293 -4.04 -3.91 -7.61
C ASN A 293 -3.13 -5.11 -7.32
N TYR A 294 -2.44 -5.63 -8.33
CA TYR A 294 -1.59 -6.79 -8.09
C TYR A 294 -0.24 -6.43 -7.47
N ASN A 295 0.14 -5.15 -7.47
CA ASN A 295 1.46 -4.80 -6.94
C ASN A 295 1.50 -3.38 -6.40
N TRP A 296 1.80 -2.38 -7.24
CA TRP A 296 1.87 -1.00 -6.81
C TRP A 296 1.08 -0.12 -7.76
N PHE A 297 0.63 1.03 -7.24
CA PHE A 297 -0.08 1.99 -8.08
C PHE A 297 0.89 2.94 -8.77
N TYR A 298 1.92 3.39 -8.07
CA TYR A 298 2.87 4.35 -8.61
C TYR A 298 4.28 3.92 -8.24
N GLY A 299 5.19 3.96 -9.21
CA GLY A 299 6.53 3.47 -9.01
C GLY A 299 6.58 1.96 -9.02
N PRO A 300 7.25 1.36 -8.03
CA PRO A 300 7.89 2.02 -6.89
C PRO A 300 9.38 2.29 -7.05
N GLU A 301 9.92 2.14 -8.26
CA GLU A 301 11.35 2.37 -8.46
C GLU A 301 11.74 3.78 -8.03
N SER A 302 10.89 4.77 -8.35
CA SER A 302 11.15 6.14 -7.93
C SER A 302 11.32 6.24 -6.42
N GLN A 303 10.35 5.69 -5.67
CA GLN A 303 10.43 5.73 -4.21
C GLN A 303 11.64 4.97 -3.69
N LEU A 304 12.04 3.90 -4.39
CA LEU A 304 13.14 3.08 -3.90
C LEU A 304 14.49 3.77 -4.09
N VAL A 305 14.72 4.38 -5.27
CA VAL A 305 15.98 5.06 -5.45
C VAL A 305 16.04 6.32 -4.58
N PHE A 306 14.88 6.92 -4.29
CA PHE A 306 14.81 8.01 -3.31
C PHE A 306 15.32 7.55 -1.95
N LEU A 307 14.84 6.40 -1.49
CA LEU A 307 15.28 5.86 -0.21
C LEU A 307 16.79 5.63 -0.20
N ASP A 308 17.34 5.14 -1.30
CA ASP A 308 18.77 4.86 -1.33
C ASP A 308 19.60 6.15 -1.33
N LYS A 309 19.22 7.13 -2.15
CA LYS A 309 20.02 8.35 -2.22
C LYS A 309 19.95 9.14 -0.92
N PHE A 310 18.78 9.18 -0.29
CA PHE A 310 18.57 10.11 0.82
C PHE A 310 18.46 9.45 2.19
N VAL A 311 18.37 8.11 2.27
CA VAL A 311 18.17 7.48 3.57
C VAL A 311 19.16 6.35 3.82
N MET A 312 19.14 5.30 2.99
CA MET A 312 19.95 4.11 3.27
C MET A 312 21.40 4.26 2.80
N ARG A 313 21.61 4.85 1.63
CA ARG A 313 22.93 5.04 1.02
C ARG A 313 23.78 3.77 1.11
N ASN A 314 23.20 2.65 0.66
CA ASN A 314 23.93 1.39 0.65
C ASN A 314 23.66 0.51 -0.56
N GLY A 315 22.76 0.90 -1.46
CA GLY A 315 22.60 0.21 -2.72
C GLY A 315 21.49 -0.82 -2.79
N SER A 316 20.79 -1.08 -1.69
CA SER A 316 19.70 -2.05 -1.72
C SER A 316 18.39 -1.49 -2.22
N GLY A 317 18.21 -0.17 -2.18
CA GLY A 317 17.06 0.42 -2.85
C GLY A 317 17.18 0.34 -4.36
N ASN A 318 18.33 0.76 -4.89
CA ASN A 318 18.60 0.58 -6.31
C ASN A 318 18.49 -0.89 -6.70
N TRP A 319 18.98 -1.79 -5.85
CA TRP A 319 18.90 -3.22 -6.16
C TRP A 319 17.46 -3.68 -6.27
N LEU A 320 16.62 -3.31 -5.30
CA LEU A 320 15.22 -3.73 -5.35
C LEU A 320 14.48 -3.08 -6.52
N ALA A 321 14.81 -1.83 -6.83
CA ALA A 321 14.24 -1.18 -7.99
C ALA A 321 14.62 -1.92 -9.27
N ASP A 322 15.85 -2.43 -9.34
CA ASP A 322 16.28 -3.17 -10.52
C ASP A 322 15.53 -4.49 -10.66
N GLN A 323 15.36 -5.21 -9.54
CA GLN A 323 14.60 -6.46 -9.56
C GLN A 323 13.19 -6.23 -10.09
N ILE A 324 12.53 -5.18 -9.60
CA ILE A 324 11.15 -4.91 -9.99
C ILE A 324 11.09 -4.45 -11.44
N ARG A 325 11.99 -3.53 -11.82
CA ARG A 325 12.04 -3.04 -13.19
C ARG A 325 12.21 -4.18 -14.18
N ARG A 326 13.15 -5.10 -13.89
CA ARG A 326 13.48 -6.14 -14.84
C ARG A 326 12.44 -7.25 -14.92
N ASN A 327 11.60 -7.42 -13.90
CA ASN A 327 10.62 -8.49 -13.88
C ASN A 327 9.19 -8.04 -14.18
N ARG A 328 8.99 -6.76 -14.48
CA ARG A 328 7.63 -6.26 -14.65
C ARG A 328 6.90 -6.99 -15.77
N VAL A 329 5.59 -7.16 -15.57
CA VAL A 329 4.75 -7.84 -16.55
C VAL A 329 4.47 -6.92 -17.73
N VAL A 330 4.50 -7.47 -18.93
CA VAL A 330 4.26 -6.70 -20.15
C VAL A 330 2.79 -6.74 -20.56
N GLU A 331 2.13 -7.88 -20.35
CA GLU A 331 0.70 -8.00 -20.61
C GLU A 331 0.11 -9.02 -19.66
N GLY A 332 -1.18 -8.86 -19.36
CA GLY A 332 -1.85 -9.73 -18.43
C GLY A 332 -1.80 -9.19 -17.02
N PRO A 333 -2.30 -9.98 -16.06
CA PRO A 333 -2.38 -9.52 -14.67
C PRO A 333 -1.08 -8.93 -14.15
N GLY A 334 -1.20 -7.76 -13.50
CA GLY A 334 -0.05 -7.08 -12.94
C GLY A 334 0.58 -6.05 -13.85
N THR A 335 0.15 -5.97 -15.10
CA THR A 335 0.63 -4.93 -15.99
C THR A 335 0.24 -3.56 -15.43
N PRO A 336 1.19 -2.63 -15.27
CA PRO A 336 0.82 -1.28 -14.85
C PRO A 336 -0.12 -0.64 -15.87
N SER A 337 -1.11 0.09 -15.36
CA SER A 337 -2.15 0.64 -16.21
C SER A 337 -1.60 1.77 -17.10
N LYS A 338 -2.31 2.02 -18.19
CA LYS A 338 -1.94 3.08 -19.12
C LYS A 338 -1.83 4.43 -18.41
N GLY A 339 -2.68 4.65 -17.40
CA GLY A 339 -2.75 5.95 -16.76
C GLY A 339 -1.64 6.21 -15.77
N GLN A 340 -1.08 5.17 -15.15
CA GLN A 340 -0.14 5.34 -14.05
C GLN A 340 1.29 4.93 -14.38
N ARG A 341 1.54 4.28 -15.52
CA ARG A 341 2.79 3.54 -15.70
C ARG A 341 4.00 4.46 -15.90
N TRP A 342 3.80 5.68 -16.40
CA TRP A 342 4.92 6.59 -16.64
C TRP A 342 4.98 7.74 -15.65
N CYS A 343 4.19 7.67 -14.58
CA CYS A 343 3.96 8.85 -13.75
C CYS A 343 5.22 9.27 -13.00
N THR A 344 6.05 8.32 -12.57
CA THR A 344 7.18 8.62 -11.71
C THR A 344 8.52 8.43 -12.40
N LEU A 345 8.53 8.29 -13.73
CA LEU A 345 9.80 8.09 -14.43
C LEU A 345 10.72 9.29 -14.24
N HIS A 346 10.17 10.50 -14.20
CA HIS A 346 11.04 11.67 -14.14
C HIS A 346 11.67 11.85 -12.77
N THR A 347 10.94 11.53 -11.70
CA THR A 347 11.58 11.60 -10.38
C THR A 347 12.51 10.43 -10.14
N GLU A 348 12.21 9.26 -10.69
CA GLU A 348 13.16 8.16 -10.64
C GLU A 348 14.48 8.57 -11.29
N PHE A 349 14.41 9.26 -12.43
CA PHE A 349 15.64 9.72 -13.07
C PHE A 349 16.38 10.71 -12.20
N LEU A 350 15.65 11.66 -11.60
CA LEU A 350 16.31 12.70 -10.83
C LEU A 350 16.88 12.18 -9.53
N TRP A 351 16.28 11.14 -8.94
CA TRP A 351 16.63 10.71 -7.60
C TRP A 351 17.56 9.50 -7.57
N TYR A 352 17.86 8.89 -8.72
CA TYR A 352 18.75 7.74 -8.74
C TYR A 352 20.20 8.20 -8.56
N ASP A 353 20.89 7.58 -7.59
CA ASP A 353 22.30 7.85 -7.32
C ASP A 353 23.08 6.64 -7.82
N GLY A 354 23.71 6.80 -8.99
CA GLY A 354 24.45 5.72 -9.60
C GLY A 354 25.70 5.30 -8.84
N SER A 355 26.23 6.18 -7.98
CA SER A 355 27.43 5.85 -7.23
C SER A 355 27.15 4.84 -6.11
N LEU A 356 25.90 4.52 -5.85
CA LEU A 356 25.53 3.43 -4.94
C LEU A 356 25.18 2.23 -5.81
N LYS A 357 26.17 1.38 -6.05
CA LYS A 357 25.96 0.22 -6.89
C LYS A 357 24.92 -0.71 -6.27
N SER A 358 24.17 -1.39 -7.13
CA SER A 358 23.10 -2.26 -6.67
C SER A 358 23.67 -3.39 -5.84
N VAL A 359 23.29 -3.44 -4.56
CA VAL A 359 23.79 -4.42 -3.62
C VAL A 359 22.59 -4.99 -2.86
N PRO A 360 22.34 -6.29 -2.91
CA PRO A 360 21.16 -6.85 -2.23
C PRO A 360 21.35 -6.82 -0.72
N PRO A 361 20.27 -6.79 0.04
CA PRO A 361 20.40 -6.98 1.49
C PRO A 361 21.06 -8.30 1.79
N PRO A 362 21.81 -8.39 2.90
CA PRO A 362 22.56 -9.62 3.17
C PRO A 362 21.70 -10.88 3.27
N ASP A 363 20.45 -10.76 3.71
CA ASP A 363 19.60 -11.94 3.88
C ASP A 363 18.81 -12.29 2.63
N PHE A 364 19.10 -11.64 1.50
CA PHE A 364 18.43 -12.00 0.26
C PHE A 364 18.69 -13.45 -0.09
N GLY A 365 17.64 -14.18 -0.44
CA GLY A 365 17.73 -15.60 -0.68
C GLY A 365 17.47 -16.46 0.52
N THR A 366 17.28 -15.87 1.69
CA THR A 366 16.94 -16.61 2.91
C THR A 366 15.50 -16.30 3.27
N PRO A 367 14.58 -17.27 3.18
CA PRO A 367 13.20 -17.00 3.60
C PRO A 367 13.16 -16.48 5.03
N THR A 368 12.60 -15.30 5.20
CA THR A 368 12.67 -14.56 6.44
C THR A 368 11.27 -14.21 6.93
N LEU A 369 11.07 -14.32 8.24
CA LEU A 369 9.84 -13.90 8.87
C LEU A 369 9.96 -12.44 9.29
N HIS A 370 8.94 -11.64 8.97
CA HIS A 370 8.90 -10.23 9.33
C HIS A 370 7.50 -9.90 9.86
N TYR A 371 7.46 -9.22 11.00
CA TYR A 371 6.20 -8.81 11.61
C TYR A 371 6.12 -7.29 11.61
N PHE A 372 5.07 -6.76 10.97
CA PHE A 372 4.78 -5.33 10.98
C PHE A 372 3.91 -5.04 12.21
N GLU A 373 4.50 -4.48 13.26
CA GLU A 373 3.81 -4.38 14.53
C GLU A 373 2.79 -3.25 14.57
N ASP A 374 2.88 -2.27 13.67
CA ASP A 374 1.79 -1.29 13.55
C ASP A 374 0.70 -1.79 12.60
N TRP A 375 1.12 -2.26 11.42
CA TRP A 375 0.16 -2.75 10.43
C TRP A 375 -0.61 -3.96 10.95
N GLY A 376 0.05 -4.83 11.70
CA GLY A 376 -0.55 -6.08 12.10
C GLY A 376 -0.47 -7.15 11.05
N VAL A 377 0.63 -7.19 10.30
CA VAL A 377 0.80 -8.14 9.20
C VAL A 377 2.11 -8.90 9.42
N VAL A 378 2.04 -10.23 9.31
CA VAL A 378 3.22 -11.09 9.27
C VAL A 378 3.44 -11.52 7.84
N THR A 379 4.69 -11.51 7.38
CA THR A 379 5.04 -12.10 6.10
C THR A 379 6.26 -12.99 6.26
N TYR A 380 6.37 -13.94 5.34
CA TYR A 380 7.44 -14.92 5.35
C TYR A 380 7.78 -15.30 3.91
N GLY A 381 9.08 -15.34 3.60
CA GLY A 381 9.52 -15.72 2.29
C GLY A 381 9.37 -14.65 1.23
N SER A 382 9.34 -13.37 1.62
CA SER A 382 9.22 -12.30 0.65
C SER A 382 10.53 -12.15 -0.14
N ALA A 383 10.41 -11.57 -1.33
CA ALA A 383 11.56 -11.12 -2.13
C ALA A 383 12.51 -12.27 -2.45
N LEU A 384 11.99 -13.46 -2.63
CA LEU A 384 12.79 -14.60 -3.04
C LEU A 384 12.75 -14.76 -4.56
N PRO A 385 13.74 -15.42 -5.15
CA PRO A 385 13.58 -15.89 -6.52
C PRO A 385 12.42 -16.87 -6.60
N ALA A 386 11.72 -16.85 -7.72
CA ALA A 386 10.61 -17.77 -7.93
C ALA A 386 11.19 -19.15 -8.25
N GLU A 387 11.11 -20.06 -7.30
CA GLU A 387 11.73 -21.38 -7.41
C GLU A 387 10.87 -22.40 -6.69
N ILE A 388 11.06 -23.67 -7.05
CA ILE A 388 10.42 -24.74 -6.30
C ILE A 388 10.93 -24.73 -4.87
N ASN A 389 9.99 -24.77 -3.92
CA ASN A 389 10.25 -24.77 -2.47
C ASN A 389 10.71 -23.42 -1.94
N ARG A 390 10.52 -22.34 -2.70
CA ARG A 390 10.68 -20.98 -2.18
C ARG A 390 9.27 -20.38 -2.12
N SER A 391 8.67 -20.41 -0.94
CA SER A 391 7.26 -20.11 -0.75
C SER A 391 7.08 -18.81 0.01
N PHE A 392 5.94 -18.16 -0.24
CA PHE A 392 5.52 -16.95 0.45
C PHE A 392 4.31 -17.27 1.33
N LEU A 393 4.28 -16.65 2.50
CA LEU A 393 3.17 -16.80 3.43
C LEU A 393 2.91 -15.45 4.09
N SER A 394 1.64 -15.12 4.28
CA SER A 394 1.27 -13.84 4.88
C SER A 394 0.07 -14.03 5.79
N PHE A 395 -0.03 -13.18 6.80
CA PHE A 395 -1.11 -13.23 7.78
C PHE A 395 -1.37 -11.83 8.29
N LYS A 396 -2.65 -11.48 8.43
CA LYS A 396 -3.04 -10.14 8.89
C LYS A 396 -4.04 -10.26 10.03
N SER A 397 -3.77 -9.56 11.12
CA SER A 397 -4.69 -9.44 12.24
C SER A 397 -4.21 -8.26 13.08
N GLY A 398 -4.88 -7.12 12.94
CA GLY A 398 -4.40 -5.91 13.59
C GLY A 398 -5.52 -4.93 13.86
N LYS A 399 -5.10 -3.72 14.23
CA LYS A 399 -6.03 -2.65 14.58
C LYS A 399 -6.41 -1.86 13.34
N LEU A 400 -7.69 -1.48 13.27
CA LEU A 400 -8.17 -0.64 12.18
C LEU A 400 -7.41 0.67 12.15
N GLY A 401 -6.82 0.97 11.00
CA GLY A 401 -5.95 2.13 10.86
C GLY A 401 -4.52 1.89 11.26
N GLY A 402 -4.16 0.68 11.67
CA GLY A 402 -2.88 0.43 12.29
C GLY A 402 -2.86 0.89 13.74
N ARG A 403 -1.85 0.40 14.46
CA ARG A 403 -1.80 0.66 15.90
C ARG A 403 -1.76 2.14 16.22
N ALA A 404 -0.96 2.89 15.45
CA ALA A 404 -0.77 4.31 15.74
C ALA A 404 -2.09 5.08 15.63
N ILE A 405 -2.79 4.93 14.52
CA ILE A 405 -4.06 5.63 14.31
C ILE A 405 -5.09 5.18 15.33
N TYR A 406 -5.25 3.87 15.50
CA TYR A 406 -6.20 3.32 16.46
C TYR A 406 -5.93 3.87 17.86
N ASP A 407 -4.67 3.84 18.29
CA ASP A 407 -4.36 4.26 19.65
C ASP A 407 -4.50 5.77 19.82
N ILE A 408 -4.12 6.55 18.80
CA ILE A 408 -4.31 7.99 18.86
C ILE A 408 -5.78 8.33 19.07
N VAL A 409 -6.65 7.72 18.26
CA VAL A 409 -8.08 7.98 18.36
C VAL A 409 -8.62 7.53 19.71
N HIS A 410 -8.24 6.33 20.14
CA HIS A 410 -8.91 5.70 21.28
C HIS A 410 -8.42 6.24 22.62
N ARG A 411 -7.14 6.64 22.72
CA ARG A 411 -6.63 7.29 23.92
C ARG A 411 -6.59 8.80 23.80
N ASN A 412 -7.24 9.36 22.78
CA ASN A 412 -7.36 10.80 22.60
C ASN A 412 -5.99 11.48 22.69
N LYS A 413 -5.07 11.03 21.84
CA LYS A 413 -3.80 11.71 21.76
C LYS A 413 -3.91 12.87 20.78
N TYR A 414 -2.94 13.78 20.85
CA TYR A 414 -2.89 14.96 20.00
C TYR A 414 -4.21 15.73 20.04
N LYS A 415 -4.58 16.13 21.26
CA LYS A 415 -5.88 16.75 21.49
C LYS A 415 -6.09 17.97 20.61
N ASP A 416 -5.04 18.77 20.41
CA ASP A 416 -5.17 20.00 19.63
C ASP A 416 -5.53 19.72 18.18
N TRP A 417 -5.22 18.54 17.66
CA TRP A 417 -5.38 18.22 16.24
C TRP A 417 -6.48 17.21 15.96
N ILE A 418 -6.64 16.21 16.81
CA ILE A 418 -7.44 15.02 16.52
C ILE A 418 -8.68 15.03 17.39
N LYS A 419 -9.85 15.02 16.75
CA LYS A 419 -11.09 14.83 17.48
C LYS A 419 -11.79 13.56 17.02
N GLY A 420 -11.13 12.41 17.21
CA GLY A 420 -11.72 11.13 16.88
C GLY A 420 -11.43 10.67 15.47
N TRP A 421 -12.20 9.69 15.02
CA TRP A 421 -12.04 9.14 13.68
C TRP A 421 -12.31 10.17 12.59
N ARG A 422 -12.91 11.31 12.92
CA ARG A 422 -13.17 12.35 11.92
C ARG A 422 -11.90 12.80 11.22
N ASN A 423 -10.73 12.66 11.85
CA ASN A 423 -9.46 13.09 11.28
C ASN A 423 -8.70 11.96 10.60
N PHE A 424 -9.31 10.79 10.43
CA PHE A 424 -8.69 9.70 9.71
C PHE A 424 -9.73 9.06 8.80
N ASN A 425 -9.25 8.30 7.82
CA ASN A 425 -10.10 7.74 6.77
C ASN A 425 -9.61 6.32 6.47
N ALA A 426 -10.33 5.33 6.99
CA ALA A 426 -9.97 3.93 6.82
C ALA A 426 -10.85 3.21 5.79
N GLY A 427 -11.45 3.96 4.86
CA GLY A 427 -12.39 3.40 3.90
C GLY A 427 -11.81 2.39 2.94
N HIS A 428 -10.49 2.32 2.81
CA HIS A 428 -9.85 1.38 1.90
C HIS A 428 -9.47 0.07 2.58
N GLU A 429 -9.65 -0.04 3.89
CA GLU A 429 -9.36 -1.28 4.58
C GLU A 429 -10.39 -2.34 4.21
N HIS A 430 -10.09 -3.58 4.55
CA HIS A 430 -11.02 -4.66 4.27
C HIS A 430 -11.43 -5.36 5.56
N PRO A 431 -12.65 -5.89 5.61
CA PRO A 431 -12.99 -6.82 6.70
C PRO A 431 -12.17 -8.09 6.59
N ASP A 432 -10.88 -8.01 6.94
CA ASP A 432 -9.93 -9.05 6.54
C ASP A 432 -9.05 -9.55 7.69
N GLN A 433 -9.49 -9.38 8.93
CA GLN A 433 -8.63 -9.74 10.05
C GLN A 433 -8.70 -11.23 10.33
N ASN A 434 -7.52 -11.83 10.56
CA ASN A 434 -7.25 -13.26 10.54
C ASN A 434 -7.19 -13.82 9.11
N SER A 435 -7.10 -12.95 8.11
CA SER A 435 -6.88 -13.42 6.75
C SER A 435 -5.43 -13.85 6.57
N PHE A 436 -5.21 -14.68 5.56
CA PHE A 436 -3.87 -15.11 5.19
C PHE A 436 -3.79 -15.26 3.68
N THR A 437 -2.56 -15.38 3.19
CA THR A 437 -2.30 -15.77 1.80
C THR A 437 -1.18 -16.81 1.81
N PHE A 438 -1.11 -17.58 0.72
CA PHE A 438 -0.13 -18.67 0.63
C PHE A 438 0.24 -18.86 -0.83
N ALA A 439 1.54 -18.74 -1.13
CA ALA A 439 2.05 -18.86 -2.49
C ALA A 439 3.18 -19.89 -2.50
N PRO A 440 2.85 -21.18 -2.46
CA PRO A 440 3.90 -22.21 -2.47
C PRO A 440 4.63 -22.25 -3.81
N ASN A 441 5.94 -22.42 -3.74
CA ASN A 441 6.85 -22.36 -4.88
C ASN A 441 6.74 -21.04 -5.65
N GLY A 442 6.22 -19.99 -5.01
CA GLY A 442 5.97 -18.75 -5.72
C GLY A 442 4.76 -18.77 -6.63
N VAL A 443 3.95 -19.82 -6.56
CA VAL A 443 2.75 -19.94 -7.37
C VAL A 443 1.56 -19.54 -6.50
N PRO A 444 0.90 -18.41 -6.76
CA PRO A 444 -0.25 -18.00 -5.94
C PRO A 444 -1.32 -19.07 -5.82
N PHE A 445 -1.54 -19.54 -4.60
CA PHE A 445 -2.55 -20.56 -4.30
C PHE A 445 -3.75 -19.92 -3.59
N ILE A 446 -3.57 -19.51 -2.34
CA ILE A 446 -4.58 -18.73 -1.63
C ILE A 446 -4.15 -17.27 -1.70
N THR A 447 -4.94 -16.45 -2.39
CA THR A 447 -4.54 -15.07 -2.65
C THR A 447 -5.53 -14.10 -2.02
N GLU A 448 -5.12 -12.85 -1.99
CA GLU A 448 -6.07 -11.77 -1.73
C GLU A 448 -6.94 -11.55 -2.96
N ALA A 449 -8.20 -11.22 -2.71
CA ALA A 449 -9.05 -10.64 -3.75
C ALA A 449 -8.82 -9.14 -3.73
N LEU A 450 -8.63 -8.55 -4.91
CA LEU A 450 -8.05 -7.20 -5.02
C LEU A 450 -8.99 -6.09 -4.57
N TYR A 451 -8.91 -4.97 -5.27
CA TYR A 451 -9.82 -3.85 -5.04
C TYR A 451 -11.25 -4.29 -5.31
N GLY A 452 -12.11 -4.20 -4.30
CA GLY A 452 -13.48 -4.62 -4.45
C GLY A 452 -14.42 -4.18 -3.34
N PRO A 453 -15.68 -4.60 -3.43
CA PRO A 453 -16.65 -4.25 -2.39
C PRO A 453 -16.23 -4.79 -1.03
N LYS A 454 -16.54 -4.03 0.01
CA LYS A 454 -16.12 -4.35 1.38
C LYS A 454 -17.04 -5.41 2.00
N TYR A 455 -17.04 -6.60 1.38
CA TYR A 455 -17.74 -7.75 1.92
C TYR A 455 -16.74 -8.65 2.64
N THR A 456 -17.12 -9.12 3.84
CA THR A 456 -16.25 -9.99 4.61
C THR A 456 -15.82 -11.20 3.81
N PHE A 457 -16.74 -11.81 3.06
CA PHE A 457 -16.40 -13.05 2.36
C PHE A 457 -15.53 -12.83 1.12
N PHE A 458 -15.14 -11.60 0.81
CA PHE A 458 -14.14 -11.35 -0.22
C PHE A 458 -12.72 -11.42 0.33
N ASN A 459 -12.56 -11.77 1.60
CA ASN A 459 -11.27 -12.00 2.23
C ASN A 459 -11.25 -13.41 2.82
N ASN A 460 -10.03 -13.88 3.11
CA ASN A 460 -9.84 -15.27 3.54
C ASN A 460 -10.11 -15.38 5.05
N VAL A 461 -11.37 -15.20 5.41
CA VAL A 461 -11.80 -15.11 6.81
C VAL A 461 -13.09 -15.88 7.03
N LEU A 462 -13.66 -15.77 8.24
CA LEU A 462 -14.86 -16.50 8.60
C LEU A 462 -16.07 -15.58 8.69
N MET A 463 -17.24 -16.15 8.39
CA MET A 463 -18.54 -15.57 8.72
C MET A 463 -19.30 -16.56 9.60
N PHE A 464 -20.33 -16.06 10.28
CA PHE A 464 -21.10 -16.88 11.21
C PHE A 464 -22.59 -16.78 10.87
N SER A 465 -23.37 -17.79 11.29
CA SER A 465 -24.55 -18.20 10.52
C SER A 465 -25.92 -17.66 10.95
N PRO A 466 -26.30 -17.65 12.25
CA PRO A 466 -27.60 -17.05 12.57
C PRO A 466 -27.43 -15.67 13.19
N ALA A 467 -27.39 -14.66 12.34
CA ALA A 467 -27.09 -13.30 12.80
C ALA A 467 -28.22 -12.78 13.69
N VAL A 468 -27.83 -12.09 14.76
CA VAL A 468 -28.80 -11.35 15.56
C VAL A 468 -29.45 -10.27 14.72
N SER A 469 -28.64 -9.46 14.05
CA SER A 469 -29.13 -8.35 13.25
C SER A 469 -29.77 -8.87 11.96
N LYS A 470 -30.24 -7.93 11.15
CA LYS A 470 -30.70 -8.20 9.78
C LYS A 470 -29.94 -7.26 8.87
N SER A 471 -28.93 -7.79 8.19
CA SER A 471 -28.15 -7.09 7.19
C SER A 471 -28.51 -7.64 5.82
N CYS A 472 -27.64 -7.42 4.84
CA CYS A 472 -27.64 -8.29 3.68
C CYS A 472 -26.94 -9.58 4.11
N PHE A 473 -26.46 -10.36 3.15
CA PHE A 473 -25.78 -11.62 3.45
C PHE A 473 -26.66 -12.57 4.25
N SER A 474 -27.98 -12.52 4.00
CA SER A 474 -28.95 -13.53 4.41
C SER A 474 -28.94 -13.67 5.94
N PRO A 475 -28.74 -14.81 6.60
CA PRO A 475 -28.49 -14.75 8.05
C PRO A 475 -27.01 -14.75 8.42
N TRP A 476 -26.12 -14.74 7.43
CA TRP A 476 -24.70 -14.69 7.71
C TRP A 476 -24.29 -13.30 8.18
N VAL A 477 -23.35 -13.26 9.14
CA VAL A 477 -22.77 -12.02 9.63
C VAL A 477 -21.27 -12.15 9.55
N GLY A 478 -20.60 -11.05 9.20
CA GLY A 478 -19.15 -11.04 9.15
C GLY A 478 -18.54 -10.07 10.13
N GLN A 479 -17.46 -9.42 9.71
CA GLN A 479 -16.72 -8.54 10.60
C GLN A 479 -17.34 -7.14 10.60
N VAL A 480 -17.08 -6.40 11.69
CA VAL A 480 -17.83 -5.18 11.97
C VAL A 480 -17.58 -4.06 10.97
N THR A 481 -16.57 -4.16 10.12
CA THR A 481 -16.33 -3.15 9.10
C THR A 481 -17.04 -3.47 7.78
N GLU A 482 -17.73 -4.61 7.71
CA GLU A 482 -18.56 -4.97 6.57
C GLU A 482 -19.47 -3.81 6.18
N ASP A 483 -19.60 -3.59 4.87
CA ASP A 483 -20.44 -2.52 4.37
C ASP A 483 -21.14 -2.98 3.11
N CYS A 484 -22.49 -3.01 3.16
CA CYS A 484 -23.28 -3.23 1.96
C CYS A 484 -23.27 -2.03 1.03
N SER A 485 -22.83 -0.87 1.51
CA SER A 485 -22.75 0.38 0.74
C SER A 485 -24.10 0.76 0.14
N SER A 486 -25.17 0.08 0.58
CA SER A 486 -26.53 0.46 0.24
C SER A 486 -27.29 1.03 1.43
N LYS A 487 -26.86 0.72 2.65
CA LYS A 487 -27.40 1.32 3.85
C LYS A 487 -26.35 1.15 4.95
N TRP A 488 -25.99 2.25 5.60
CA TRP A 488 -25.11 2.21 6.76
C TRP A 488 -25.97 2.28 8.02
N SER A 489 -25.77 1.34 8.93
CA SER A 489 -26.56 1.29 10.15
C SER A 489 -26.27 2.49 11.04
N LYS A 490 -27.29 2.90 11.78
CA LYS A 490 -27.11 3.95 12.77
C LYS A 490 -26.33 3.40 13.96
N TYR A 491 -25.29 4.12 14.36
CA TYR A 491 -24.49 3.83 15.54
C TYR A 491 -23.75 2.48 15.45
N LYS A 492 -23.79 1.81 14.30
CA LYS A 492 -22.87 0.69 14.07
C LYS A 492 -21.45 1.17 13.87
N HIS A 493 -21.27 2.44 13.49
CA HIS A 493 -19.95 3.03 13.41
C HIS A 493 -19.20 2.89 14.73
N ASP A 494 -19.93 2.80 15.84
CA ASP A 494 -19.30 2.61 17.15
C ASP A 494 -18.57 1.28 17.22
N LEU A 495 -19.17 0.21 16.70
CA LEU A 495 -18.51 -1.08 16.72
C LEU A 495 -17.53 -1.23 15.57
N ALA A 496 -17.76 -0.54 14.45
CA ALA A 496 -16.76 -0.50 13.39
C ALA A 496 -15.51 0.25 13.86
N ALA A 497 -15.69 1.29 14.67
CA ALA A 497 -14.58 2.10 15.16
C ALA A 497 -13.70 1.38 16.17
N SER A 498 -14.02 0.15 16.53
CA SER A 498 -13.19 -0.64 17.44
C SER A 498 -12.74 -1.96 16.82
N CYS A 499 -12.91 -2.13 15.51
CA CYS A 499 -12.49 -3.36 14.84
C CYS A 499 -11.02 -3.61 15.09
N GLN A 500 -10.68 -4.84 15.44
CA GLN A 500 -9.33 -5.13 15.90
C GLN A 500 -9.07 -6.62 15.86
N GLY A 501 -8.09 -7.03 15.05
CA GLY A 501 -7.45 -8.32 15.19
C GLY A 501 -6.18 -8.20 16.01
N ARG A 502 -5.50 -9.34 16.17
CA ARG A 502 -4.26 -9.33 16.92
C ARG A 502 -3.42 -10.55 16.58
N VAL A 503 -2.18 -10.30 16.19
CA VAL A 503 -1.21 -11.39 16.01
C VAL A 503 -0.67 -11.76 17.39
N VAL A 504 -0.95 -13.00 17.81
CA VAL A 504 -0.63 -13.43 19.16
C VAL A 504 0.77 -14.03 19.23
N ALA A 505 1.18 -14.75 18.19
CA ALA A 505 2.50 -15.35 18.13
C ALA A 505 2.92 -15.49 16.68
N ALA A 506 4.22 -15.38 16.44
CA ALA A 506 4.77 -15.52 15.10
C ALA A 506 6.25 -15.82 15.23
N GLU A 507 6.67 -17.02 14.83
CA GLU A 507 8.07 -17.39 14.89
C GLU A 507 8.37 -18.42 13.82
N GLU A 508 9.57 -18.33 13.27
CA GLU A 508 10.14 -19.36 12.41
C GLU A 508 11.21 -20.09 13.19
N LYS A 509 11.20 -21.42 13.12
CA LYS A 509 12.09 -22.24 13.93
C LYS A 509 12.39 -23.53 13.18
N ASN A 510 13.63 -23.64 12.68
CA ASN A 510 14.10 -24.84 11.98
C ASN A 510 13.26 -25.12 10.73
N GLY A 511 12.98 -24.07 9.96
CA GLY A 511 12.21 -24.20 8.74
C GLY A 511 10.72 -24.29 8.92
N VAL A 512 10.22 -24.31 10.15
CA VAL A 512 8.79 -24.38 10.44
C VAL A 512 8.34 -23.02 10.94
N VAL A 513 7.25 -22.51 10.37
CA VAL A 513 6.69 -21.22 10.75
C VAL A 513 5.39 -21.48 11.51
N PHE A 514 5.23 -20.82 12.65
CA PHE A 514 3.99 -20.86 13.42
C PHE A 514 3.49 -19.44 13.62
N ILE A 515 2.22 -19.22 13.27
CA ILE A 515 1.56 -17.93 13.44
C ILE A 515 0.21 -18.18 14.07
N ARG A 516 -0.08 -17.46 15.16
CA ARG A 516 -1.40 -17.47 15.76
C ARG A 516 -2.00 -16.07 15.76
N GLY A 517 -3.27 -15.98 15.39
CA GLY A 517 -3.99 -14.72 15.44
C GLY A 517 -5.30 -14.89 16.19
N GLU A 518 -5.78 -13.77 16.72
CA GLU A 518 -7.03 -13.72 17.48
C GLU A 518 -7.96 -12.70 16.84
N GLY A 519 -9.16 -13.15 16.46
CA GLY A 519 -10.07 -12.32 15.70
C GLY A 519 -11.37 -11.93 16.37
N VAL A 520 -11.56 -12.21 17.66
CA VAL A 520 -12.81 -11.83 18.34
C VAL A 520 -13.10 -10.35 18.13
N GLY A 521 -12.08 -9.51 18.23
CA GLY A 521 -12.28 -8.07 18.23
C GLY A 521 -12.79 -7.50 16.92
N ALA A 522 -12.98 -8.36 15.93
CA ALA A 522 -13.51 -7.95 14.64
C ALA A 522 -14.99 -8.27 14.49
N TYR A 523 -15.59 -8.96 15.45
CA TYR A 523 -16.98 -9.36 15.36
C TYR A 523 -17.79 -8.73 16.49
N ASN A 524 -19.07 -8.51 16.20
CA ASN A 524 -19.99 -7.89 17.16
C ASN A 524 -19.96 -8.67 18.48
N PRO A 525 -19.79 -7.98 19.62
CA PRO A 525 -19.81 -8.70 20.90
C PRO A 525 -21.12 -9.42 21.21
N GLN A 526 -22.23 -9.02 20.60
CA GLN A 526 -23.52 -9.64 20.91
C GLN A 526 -23.63 -11.07 20.42
N LEU A 527 -22.73 -11.53 19.56
CA LEU A 527 -22.71 -12.94 19.21
C LEU A 527 -22.01 -13.79 20.27
N ASN A 528 -21.61 -13.19 21.39
CA ASN A 528 -21.02 -13.92 22.52
C ASN A 528 -19.93 -14.90 22.07
N LEU A 529 -19.18 -14.50 21.05
CA LEU A 529 -17.97 -15.22 20.69
C LEU A 529 -16.87 -14.88 21.69
N LYS A 530 -16.15 -15.91 22.14
CA LYS A 530 -15.05 -15.73 23.08
C LYS A 530 -13.69 -15.76 22.40
N ASN A 531 -13.49 -16.66 21.45
CA ASN A 531 -12.21 -16.81 20.77
C ASN A 531 -12.45 -17.17 19.32
N VAL A 532 -11.93 -16.34 18.40
CA VAL A 532 -11.89 -16.69 16.99
C VAL A 532 -10.42 -16.84 16.61
N GLN A 533 -9.88 -18.02 16.86
CA GLN A 533 -8.44 -18.27 16.83
C GLN A 533 -8.07 -18.99 15.54
N ARG A 534 -7.03 -18.50 14.87
CA ARG A 534 -6.53 -19.09 13.65
C ARG A 534 -5.05 -19.39 13.81
N ASN A 535 -4.66 -20.63 13.48
CA ASN A 535 -3.29 -21.10 13.64
C ASN A 535 -2.75 -21.51 12.27
N LEU A 536 -1.62 -20.94 11.88
CA LEU A 536 -0.89 -21.35 10.67
C LEU A 536 0.37 -22.08 11.07
N ILE A 537 0.61 -23.23 10.44
CA ILE A 537 1.81 -24.04 10.67
C ILE A 537 2.33 -24.47 9.31
N LEU A 538 3.46 -23.92 8.91
CA LEU A 538 4.09 -24.26 7.62
C LEU A 538 5.08 -25.39 7.89
N LEU A 539 4.59 -26.63 7.76
CA LEU A 539 5.42 -27.80 8.06
C LEU A 539 6.52 -27.99 7.03
N HIS A 540 6.31 -27.50 5.82
CA HIS A 540 7.23 -27.62 4.70
C HIS A 540 6.86 -26.51 3.71
N PRO A 541 7.80 -26.06 2.88
CA PRO A 541 7.44 -25.00 1.91
C PRO A 541 6.22 -25.32 1.06
N GLN A 542 5.87 -26.59 0.88
CA GLN A 542 4.73 -26.98 0.08
C GLN A 542 3.64 -27.65 0.90
N LEU A 543 3.67 -27.47 2.22
CA LEU A 543 2.68 -28.09 3.10
C LEU A 543 2.36 -27.12 4.23
N LEU A 544 1.19 -26.51 4.15
CA LEU A 544 0.72 -25.57 5.17
C LEU A 544 -0.52 -26.12 5.85
N LEU A 545 -0.47 -26.21 7.17
CA LEU A 545 -1.61 -26.63 7.97
C LEU A 545 -2.20 -25.42 8.67
N LEU A 546 -3.52 -25.27 8.58
CA LEU A 546 -4.26 -24.22 9.27
C LEU A 546 -5.24 -24.87 10.21
N VAL A 547 -5.31 -24.38 11.44
CA VAL A 547 -6.28 -24.85 12.43
C VAL A 547 -7.02 -23.64 12.98
N ASP A 548 -8.33 -23.62 12.80
CA ASP A 548 -9.19 -22.62 13.42
C ASP A 548 -9.78 -23.19 14.69
N GLN A 549 -9.84 -22.38 15.74
CA GLN A 549 -10.55 -22.73 16.97
C GLN A 549 -11.54 -21.63 17.27
N ILE A 550 -12.81 -21.99 17.33
CA ILE A 550 -13.89 -21.06 17.68
C ILE A 550 -14.45 -21.48 19.04
N HIS A 551 -14.31 -20.60 20.02
CA HIS A 551 -14.85 -20.80 21.36
C HIS A 551 -16.06 -19.90 21.52
N LEU A 552 -17.23 -20.52 21.64
CA LEU A 552 -18.46 -19.78 21.84
C LEU A 552 -18.73 -19.59 23.33
N GLY A 553 -19.25 -18.43 23.68
CA GLY A 553 -19.84 -18.26 24.98
C GLY A 553 -21.10 -19.09 25.13
N GLU A 554 -21.45 -19.39 26.38
CA GLU A 554 -22.58 -20.29 26.64
C GLU A 554 -23.91 -19.70 26.17
N GLU A 555 -24.02 -18.37 26.08
CA GLU A 555 -25.28 -17.77 25.65
C GLU A 555 -25.45 -17.85 24.13
N SER A 556 -24.36 -17.69 23.38
CA SER A 556 -24.34 -17.33 21.97
C SER A 556 -25.27 -18.21 21.12
N PRO A 557 -25.90 -17.63 20.10
CA PRO A 557 -26.84 -18.38 19.24
C PRO A 557 -26.23 -18.98 17.98
N LEU A 558 -24.92 -18.87 17.80
CA LEU A 558 -24.28 -19.33 16.57
C LEU A 558 -24.44 -20.83 16.42
N GLU A 559 -24.59 -21.26 15.16
CA GLU A 559 -24.69 -22.67 14.83
C GLU A 559 -23.73 -23.13 13.75
N THR A 560 -23.20 -22.23 12.93
CA THR A 560 -22.38 -22.62 11.79
C THR A 560 -21.38 -21.50 11.48
N ALA A 561 -20.23 -21.90 10.96
CA ALA A 561 -19.25 -20.94 10.45
C ALA A 561 -19.00 -21.24 8.98
N ALA A 562 -18.62 -20.20 8.23
CA ALA A 562 -18.21 -20.35 6.85
C ALA A 562 -16.86 -19.69 6.68
N SER A 563 -15.91 -20.44 6.13
CA SER A 563 -14.56 -19.95 5.89
C SER A 563 -14.35 -19.82 4.39
N PHE A 564 -13.73 -18.72 3.98
CA PHE A 564 -13.58 -18.40 2.58
C PHE A 564 -12.11 -18.39 2.20
N PHE A 565 -11.80 -18.96 1.05
CA PHE A 565 -10.44 -19.05 0.53
C PHE A 565 -10.48 -18.66 -0.94
N HIS A 566 -9.65 -17.70 -1.32
CA HIS A 566 -9.74 -17.06 -2.62
C HIS A 566 -8.54 -17.40 -3.49
N ASN A 567 -8.80 -17.44 -4.81
CA ASN A 567 -7.76 -17.29 -5.82
C ASN A 567 -8.30 -16.35 -6.87
N VAL A 568 -7.66 -15.19 -7.03
CA VAL A 568 -8.19 -14.14 -7.89
C VAL A 568 -8.12 -14.49 -9.37
N ASP A 569 -7.21 -15.38 -9.77
CA ASP A 569 -6.97 -15.67 -11.18
C ASP A 569 -7.47 -17.01 -11.67
N VAL A 570 -7.58 -18.02 -10.80
CA VAL A 570 -7.97 -19.36 -11.23
C VAL A 570 -9.08 -19.89 -10.33
N PRO A 571 -10.16 -20.43 -10.89
CA PRO A 571 -11.25 -20.98 -10.06
C PRO A 571 -10.90 -22.35 -9.51
N PHE A 572 -11.58 -22.69 -8.42
CA PHE A 572 -11.34 -23.93 -7.70
C PHE A 572 -12.19 -25.05 -8.27
N GLU A 573 -11.65 -26.27 -8.21
CA GLU A 573 -12.36 -27.47 -8.63
C GLU A 573 -12.52 -28.41 -7.45
N GLU A 574 -13.65 -29.10 -7.40
CA GLU A 574 -13.95 -29.97 -6.27
C GLU A 574 -13.13 -31.26 -6.33
N THR A 575 -12.93 -31.85 -5.16
CA THR A 575 -12.24 -33.13 -5.06
C THR A 575 -12.60 -33.77 -3.73
N VAL A 576 -12.49 -35.09 -3.68
CA VAL A 576 -12.75 -35.85 -2.46
C VAL A 576 -11.93 -37.13 -2.51
N VAL A 577 -11.23 -37.43 -1.42
CA VAL A 577 -10.43 -38.65 -1.31
C VAL A 577 -10.76 -39.31 0.03
N ASP A 578 -11.26 -40.54 -0.04
CA ASP A 578 -11.59 -41.34 1.15
C ASP A 578 -12.47 -40.57 2.13
N GLY A 579 -13.50 -39.92 1.59
CA GLY A 579 -14.40 -39.17 2.45
C GLY A 579 -13.85 -37.88 3.00
N VAL A 580 -12.72 -37.40 2.48
CA VAL A 580 -12.13 -36.12 2.86
C VAL A 580 -12.39 -35.15 1.71
N HIS A 581 -13.21 -34.14 1.95
CA HIS A 581 -13.51 -33.20 0.89
C HIS A 581 -12.39 -32.18 0.74
N GLY A 582 -12.29 -31.61 -0.46
CA GLY A 582 -11.23 -30.68 -0.74
C GLY A 582 -11.49 -29.88 -2.00
N ALA A 583 -10.46 -29.15 -2.41
CA ALA A 583 -10.51 -28.32 -3.61
C ALA A 583 -9.11 -28.26 -4.20
N PHE A 584 -9.04 -27.93 -5.49
CA PHE A 584 -7.74 -27.78 -6.14
C PHE A 584 -7.84 -26.76 -7.26
N ILE A 585 -6.69 -26.18 -7.60
CA ILE A 585 -6.54 -25.31 -8.75
C ILE A 585 -5.48 -25.92 -9.66
N ARG A 586 -5.69 -25.74 -10.96
CA ARG A 586 -4.74 -26.22 -11.97
C ARG A 586 -3.81 -25.07 -12.35
N GLN A 587 -2.51 -25.27 -12.12
CA GLN A 587 -1.48 -24.37 -12.58
C GLN A 587 -0.59 -25.12 -13.56
N ARG A 588 0.23 -24.36 -14.31
CA ARG A 588 1.02 -25.00 -15.37
C ARG A 588 2.01 -26.00 -14.81
N ASP A 589 2.51 -25.78 -13.60
CA ASP A 589 3.49 -26.67 -12.99
C ASP A 589 2.87 -27.79 -12.18
N GLY A 590 1.54 -27.98 -12.26
CA GLY A 590 0.87 -29.05 -11.57
C GLY A 590 -0.32 -28.55 -10.78
N LEU A 591 -0.88 -29.46 -9.99
CA LEU A 591 -2.10 -29.19 -9.24
C LEU A 591 -1.76 -28.78 -7.81
N TYR A 592 -2.49 -27.79 -7.30
CA TYR A 592 -2.35 -27.32 -5.93
C TYR A 592 -3.66 -27.63 -5.21
N LYS A 593 -3.58 -28.36 -4.10
CA LYS A 593 -4.74 -28.97 -3.47
C LYS A 593 -4.88 -28.52 -2.02
N MET A 594 -6.13 -28.50 -1.56
CA MET A 594 -6.44 -28.32 -0.15
C MET A 594 -7.45 -29.37 0.29
N TYR A 595 -7.33 -29.76 1.56
CA TYR A 595 -8.26 -30.72 2.17
C TYR A 595 -8.55 -30.24 3.59
N TRP A 596 -9.75 -30.57 4.07
CA TRP A 596 -10.19 -30.08 5.37
C TRP A 596 -10.98 -31.16 6.09
N MET A 597 -11.06 -31.01 7.41
CA MET A 597 -11.96 -31.78 8.26
C MET A 597 -12.00 -31.10 9.62
N ASP A 598 -13.16 -31.18 10.27
CA ASP A 598 -13.22 -30.79 11.67
C ASP A 598 -12.55 -31.89 12.50
N ASP A 599 -12.45 -31.72 13.81
CA ASP A 599 -11.68 -32.67 14.59
C ASP A 599 -12.51 -33.86 15.08
N THR A 600 -13.74 -34.03 14.60
CA THR A 600 -14.41 -35.31 14.70
C THR A 600 -14.17 -36.18 13.48
N GLY A 601 -13.44 -35.67 12.49
CA GLY A 601 -13.14 -36.40 11.28
C GLY A 601 -14.10 -36.17 10.14
N TYR A 602 -15.16 -35.40 10.36
CA TYR A 602 -16.16 -35.15 9.32
C TYR A 602 -15.76 -33.93 8.49
N SER A 603 -15.79 -34.09 7.17
CA SER A 603 -15.58 -32.98 6.25
C SER A 603 -16.80 -32.83 5.36
N GLU A 604 -17.34 -31.63 5.31
CA GLU A 604 -18.45 -31.31 4.44
C GLU A 604 -17.93 -30.82 3.09
N LYS A 605 -18.67 -31.12 2.04
CA LYS A 605 -18.33 -30.63 0.71
C LYS A 605 -18.54 -29.12 0.66
N ALA A 606 -17.68 -28.45 -0.11
CA ALA A 606 -17.69 -27.01 -0.14
C ALA A 606 -18.54 -26.49 -1.29
N THR A 607 -18.91 -25.22 -1.19
CA THR A 607 -19.56 -24.48 -2.25
C THR A 607 -18.49 -23.66 -2.99
N PHE A 608 -18.70 -23.48 -4.28
CA PHE A 608 -17.71 -22.82 -5.14
C PHE A 608 -18.36 -21.68 -5.90
N ALA A 609 -17.64 -20.58 -6.05
CA ALA A 609 -18.21 -19.39 -6.68
C ALA A 609 -17.14 -18.63 -7.46
N SER A 610 -17.54 -18.13 -8.64
CA SER A 610 -16.76 -17.20 -9.42
C SER A 610 -17.58 -15.92 -9.55
N VAL A 611 -17.08 -14.84 -8.95
CA VAL A 611 -17.81 -13.59 -8.80
C VAL A 611 -17.13 -12.54 -9.67
N THR A 612 -17.93 -11.71 -10.34
CA THR A 612 -17.37 -10.56 -11.04
C THR A 612 -17.18 -9.45 -10.02
N TYR A 613 -17.10 -8.20 -10.42
CA TYR A 613 -17.20 -7.12 -9.44
C TYR A 613 -18.16 -6.09 -10.01
N PRO A 614 -18.79 -5.29 -9.14
CA PRO A 614 -19.69 -4.25 -9.66
C PRO A 614 -18.96 -3.30 -10.60
N ARG A 615 -19.70 -2.76 -11.56
CA ARG A 615 -19.15 -1.78 -12.50
C ARG A 615 -18.54 -0.62 -11.74
N GLY A 616 -17.31 -0.27 -12.09
CA GLY A 616 -16.55 0.75 -11.41
C GLY A 616 -15.34 0.24 -10.66
N TYR A 617 -15.32 -1.03 -10.32
CA TYR A 617 -14.03 -1.50 -9.82
C TYR A 617 -13.15 -1.92 -10.99
N PRO A 618 -11.83 -1.73 -10.89
CA PRO A 618 -10.96 -1.93 -12.06
C PRO A 618 -10.46 -3.35 -12.28
N TYR A 619 -10.96 -4.35 -11.59
CA TYR A 619 -10.49 -5.70 -11.83
C TYR A 619 -11.66 -6.68 -11.90
N ASN A 620 -11.43 -7.77 -12.63
CA ASN A 620 -12.50 -8.67 -13.06
C ASN A 620 -13.37 -9.13 -11.90
N GLY A 621 -12.73 -9.69 -10.87
CA GLY A 621 -13.46 -10.26 -9.75
C GLY A 621 -12.59 -11.22 -8.98
N THR A 622 -13.17 -12.35 -8.58
CA THR A 622 -12.43 -13.34 -7.80
C THR A 622 -13.14 -14.68 -7.91
N ASN A 623 -12.48 -15.72 -7.38
CA ASN A 623 -13.04 -17.06 -7.23
C ASN A 623 -12.75 -17.53 -5.82
N TYR A 624 -13.69 -18.25 -5.21
CA TYR A 624 -13.46 -18.70 -3.85
C TYR A 624 -14.10 -20.06 -3.58
N VAL A 625 -13.57 -20.71 -2.53
CA VAL A 625 -14.21 -21.84 -1.88
C VAL A 625 -14.87 -21.32 -0.62
N ASN A 626 -16.01 -21.91 -0.25
CA ASN A 626 -16.81 -21.48 0.89
C ASN A 626 -17.05 -22.76 1.69
N VAL A 627 -16.20 -22.99 2.68
CA VAL A 627 -16.20 -24.22 3.48
C VAL A 627 -16.97 -23.96 4.76
N THR A 628 -18.05 -24.71 4.95
CA THR A 628 -18.94 -24.54 6.08
C THR A 628 -18.68 -25.64 7.12
N MET A 629 -18.93 -25.31 8.38
CA MET A 629 -18.72 -26.26 9.46
C MET A 629 -19.71 -26.00 10.59
N HIS A 630 -20.32 -27.06 11.08
CA HIS A 630 -21.23 -26.95 12.22
C HIS A 630 -20.41 -26.63 13.48
N LEU A 631 -20.88 -25.65 14.24
CA LEU A 631 -20.16 -25.22 15.45
C LEU A 631 -20.42 -26.25 16.55
N ARG A 632 -19.47 -27.15 16.73
CA ARG A 632 -19.60 -28.25 17.68
C ARG A 632 -19.45 -27.74 19.10
N SER A 633 -20.45 -28.01 19.95
CA SER A 633 -20.37 -27.82 21.39
C SER A 633 -19.96 -26.39 21.70
N PRO A 634 -19.33 -26.07 22.86
CA PRO A 634 -18.74 -24.73 22.99
C PRO A 634 -17.54 -24.49 22.10
N ILE A 635 -16.57 -25.40 22.11
CA ILE A 635 -15.32 -25.22 21.40
C ILE A 635 -15.36 -26.05 20.12
N THR A 636 -15.10 -25.39 18.99
CA THR A 636 -15.07 -26.02 17.68
C THR A 636 -13.72 -25.79 17.04
N ARG A 637 -13.20 -26.82 16.37
CA ARG A 637 -11.90 -26.71 15.72
C ARG A 637 -11.91 -27.46 14.40
N ALA A 638 -11.31 -26.84 13.39
CA ALA A 638 -11.21 -27.39 12.05
C ALA A 638 -9.78 -27.26 11.55
N ALA A 639 -9.30 -28.28 10.86
CA ALA A 639 -7.98 -28.28 10.26
C ALA A 639 -8.10 -28.25 8.75
N TYR A 640 -7.28 -27.42 8.11
CA TYR A 640 -7.16 -27.38 6.67
C TYR A 640 -5.70 -27.61 6.30
N LEU A 641 -5.48 -28.22 5.15
CA LEU A 641 -4.14 -28.61 4.74
C LEU A 641 -3.96 -28.26 3.28
N PHE A 642 -2.87 -27.56 2.96
CA PHE A 642 -2.61 -27.03 1.63
C PHE A 642 -1.33 -27.67 1.08
N ILE A 643 -1.43 -28.29 -0.09
CA ILE A 643 -0.36 -29.13 -0.67
C ILE A 643 0.09 -28.53 -2.00
N GLY A 644 1.41 -28.40 -2.17
CA GLY A 644 1.97 -28.15 -3.47
C GLY A 644 2.11 -29.42 -4.28
N PRO A 645 2.38 -29.25 -5.57
CA PRO A 645 2.37 -30.41 -6.49
C PRO A 645 3.44 -31.46 -6.19
N SER A 646 4.53 -31.09 -5.52
CA SER A 646 5.63 -32.02 -5.31
C SER A 646 5.34 -33.06 -4.24
N ILE A 647 4.29 -32.89 -3.44
CA ILE A 647 4.09 -33.70 -2.24
C ILE A 647 2.85 -34.56 -2.40
N ASP A 648 2.94 -35.78 -1.91
CA ASP A 648 1.88 -36.78 -1.97
C ASP A 648 1.47 -37.10 -0.55
N VAL A 649 0.42 -36.44 -0.06
CA VAL A 649 -0.11 -36.74 1.27
C VAL A 649 -0.81 -38.09 1.22
N GLN A 650 -0.58 -38.91 2.25
CA GLN A 650 -1.12 -40.25 2.27
C GLN A 650 -1.93 -40.58 3.50
N SER A 651 -1.79 -39.81 4.58
CA SER A 651 -2.70 -39.86 5.71
C SER A 651 -2.87 -38.45 6.25
N PHE A 652 -4.07 -38.15 6.73
CA PHE A 652 -4.39 -36.85 7.32
C PHE A 652 -5.50 -37.10 8.34
N THR A 653 -5.08 -37.33 9.59
CA THR A 653 -5.98 -37.64 10.68
C THR A 653 -5.93 -36.53 11.72
N VAL A 654 -7.06 -36.27 12.37
CA VAL A 654 -7.16 -35.22 13.38
C VAL A 654 -8.01 -35.75 14.52
N HIS A 655 -7.50 -35.66 15.76
CA HIS A 655 -8.21 -36.10 16.95
C HIS A 655 -7.86 -35.15 18.09
N GLY A 656 -8.85 -34.78 18.86
CA GLY A 656 -8.64 -33.84 19.95
C GLY A 656 -9.49 -34.14 21.17
N ASP A 657 -9.41 -33.27 22.17
CA ASP A 657 -10.19 -33.47 23.38
C ASP A 657 -10.40 -32.10 24.04
N SER A 658 -10.69 -32.12 25.34
CA SER A 658 -11.04 -30.90 26.05
C SER A 658 -9.93 -29.84 25.96
N GLN A 659 -8.67 -30.26 26.04
CA GLN A 659 -7.56 -29.33 26.11
C GLN A 659 -6.64 -29.35 24.89
N GLN A 660 -6.56 -30.46 24.16
CA GLN A 660 -5.57 -30.64 23.12
C GLN A 660 -6.23 -31.02 21.80
N LEU A 661 -5.53 -30.70 20.70
CA LEU A 661 -5.87 -31.23 19.38
C LEU A 661 -4.59 -31.74 18.71
N ASP A 662 -4.70 -32.89 18.06
CA ASP A 662 -3.58 -33.54 17.38
C ASP A 662 -3.89 -33.65 15.90
N VAL A 663 -2.93 -33.26 15.06
CA VAL A 663 -3.04 -33.41 13.61
C VAL A 663 -1.85 -34.23 13.13
N PHE A 664 -2.15 -35.35 12.46
CA PHE A 664 -1.13 -36.25 11.94
C PHE A 664 -1.19 -36.25 10.43
N ILE A 665 -0.04 -36.04 9.78
CA ILE A 665 0.06 -35.94 8.33
C ILE A 665 1.24 -36.77 7.88
N ALA A 666 0.97 -37.80 7.09
CA ALA A 666 2.00 -38.63 6.49
C ALA A 666 2.09 -38.35 5.01
N THR A 667 3.30 -38.19 4.51
CA THR A 667 3.54 -38.09 3.07
C THR A 667 4.41 -39.27 2.64
N SER A 668 4.73 -39.30 1.35
CA SER A 668 5.57 -40.36 0.82
C SER A 668 7.02 -40.26 1.30
N LYS A 669 7.40 -39.13 1.91
CA LYS A 669 8.78 -38.91 2.32
C LYS A 669 8.95 -38.52 3.79
N HIS A 670 7.89 -38.07 4.46
CA HIS A 670 8.01 -37.59 5.82
C HIS A 670 6.72 -37.85 6.58
N ALA A 671 6.82 -37.77 7.91
CA ALA A 671 5.68 -37.78 8.81
C ALA A 671 5.68 -36.51 9.63
N TYR A 672 4.50 -35.95 9.85
CA TYR A 672 4.35 -34.71 10.61
C TYR A 672 3.25 -34.89 11.65
N ALA A 673 3.53 -34.48 12.88
CA ALA A 673 2.53 -34.33 13.93
C ALA A 673 2.56 -32.91 14.44
N THR A 674 1.38 -32.35 14.72
CA THR A 674 1.25 -31.02 15.29
C THR A 674 0.23 -31.07 16.42
N TYR A 675 0.62 -30.54 17.57
CA TYR A 675 -0.22 -30.51 18.76
C TYR A 675 -0.50 -29.06 19.12
N LEU A 676 -1.78 -28.74 19.32
CA LEU A 676 -2.22 -27.41 19.73
C LEU A 676 -3.14 -27.55 20.94
N TRP A 677 -3.11 -26.53 21.80
CA TRP A 677 -3.84 -26.58 23.06
C TRP A 677 -4.89 -25.49 23.11
N THR A 678 -6.01 -25.81 23.78
CA THR A 678 -7.08 -24.86 23.97
C THR A 678 -6.72 -23.92 25.11
N GLY A 679 -6.98 -22.63 24.91
CA GLY A 679 -6.59 -21.60 25.86
C GLY A 679 -5.42 -20.78 25.36
N GLU A 680 -4.97 -19.87 26.22
CA GLU A 680 -3.85 -18.99 25.93
C GLU A 680 -2.58 -19.50 26.61
N ALA A 681 -1.43 -19.11 26.06
CA ALA A 681 -0.15 -19.69 26.44
C ALA A 681 0.86 -18.63 26.83
N THR A 682 0.40 -17.51 27.39
CA THR A 682 1.32 -16.49 27.89
C THR A 682 1.51 -16.74 29.39
N GLY A 683 2.53 -17.53 29.72
CA GLY A 683 2.89 -17.68 31.12
C GLY A 683 3.07 -19.09 31.66
N GLN A 684 2.41 -20.11 31.09
CA GLN A 684 2.44 -21.40 31.75
C GLN A 684 2.53 -22.63 30.86
N SER A 685 2.36 -22.53 29.54
CA SER A 685 2.72 -23.61 28.64
C SER A 685 2.87 -23.05 27.23
N ALA A 686 3.04 -23.94 26.26
CA ALA A 686 3.42 -23.57 24.90
C ALA A 686 2.20 -23.28 24.04
N PHE A 687 2.46 -22.82 22.82
CA PHE A 687 1.43 -22.60 21.80
C PHE A 687 1.19 -23.85 20.97
N ALA A 688 2.26 -24.44 20.46
CA ALA A 688 2.19 -25.60 19.59
C ALA A 688 3.49 -26.37 19.71
N GLN A 689 3.41 -27.65 19.41
CA GLN A 689 4.58 -28.50 19.28
C GLN A 689 4.46 -29.25 17.98
N VAL A 690 5.49 -29.15 17.14
CA VAL A 690 5.53 -29.82 15.85
C VAL A 690 6.61 -30.89 15.93
N ILE A 691 6.24 -32.11 15.56
CA ILE A 691 7.21 -33.18 15.38
C ILE A 691 7.23 -33.49 13.89
N ALA A 692 8.23 -32.94 13.21
CA ALA A 692 8.60 -33.41 11.88
C ALA A 692 9.28 -34.77 12.07
N ASP A 693 9.81 -35.34 10.99
CA ASP A 693 10.35 -36.69 10.95
C ASP A 693 10.87 -37.16 12.30
N ARG A 694 12.03 -36.62 12.70
CA ARG A 694 12.56 -36.88 14.03
C ARG A 694 12.72 -35.62 14.87
N HIS A 695 12.57 -34.44 14.27
CA HIS A 695 12.85 -33.19 14.97
C HIS A 695 11.65 -32.76 15.81
N LYS A 696 11.92 -32.36 17.05
CA LYS A 696 10.91 -31.81 17.93
C LYS A 696 11.02 -30.29 17.92
N ILE A 697 9.93 -29.62 17.57
CA ILE A 697 9.91 -28.18 17.36
C ILE A 697 8.92 -27.62 18.37
N LEU A 698 9.41 -26.81 19.30
CA LEU A 698 8.56 -26.23 20.34
C LEU A 698 8.36 -24.73 20.10
N PHE A 699 7.10 -24.30 20.07
CA PHE A 699 6.73 -22.91 20.00
C PHE A 699 6.09 -22.55 21.34
N ASP A 700 6.88 -21.90 22.21
CA ASP A 700 6.47 -21.60 23.57
C ASP A 700 6.24 -20.10 23.73
N ARG A 701 6.25 -19.63 24.98
CA ARG A 701 6.00 -18.23 25.26
C ARG A 701 6.99 -17.30 24.56
N ASN A 702 8.10 -17.85 24.08
CA ASN A 702 9.08 -17.03 23.37
C ASN A 702 8.50 -16.46 22.07
N SER A 703 7.76 -17.28 21.31
CA SER A 703 7.16 -16.82 20.07
C SER A 703 6.04 -15.81 20.30
N ALA A 704 5.68 -15.53 21.54
CA ALA A 704 4.62 -14.57 21.81
C ALA A 704 5.05 -13.17 21.41
N ILE A 705 4.07 -12.36 21.04
CA ILE A 705 4.27 -10.98 20.60
C ILE A 705 3.68 -10.06 21.67
N LYS A 706 4.51 -9.19 22.24
CA LYS A 706 4.11 -8.27 23.29
C LYS A 706 3.64 -6.98 22.63
N SER A 707 2.67 -6.31 23.26
CA SER A 707 2.09 -5.08 22.74
C SER A 707 2.67 -3.88 23.47
N SER A 708 2.67 -2.74 22.79
CA SER A 708 3.23 -1.51 23.33
C SER A 708 2.33 -0.34 22.97
N ILE A 709 2.28 0.63 23.88
CA ILE A 709 1.85 1.98 23.53
C ILE A 709 3.09 2.76 23.08
N VAL A 710 2.98 3.49 21.99
CA VAL A 710 4.09 4.38 21.62
C VAL A 710 3.72 5.74 22.17
N PRO A 711 4.66 6.45 22.82
CA PRO A 711 4.31 7.70 23.48
C PRO A 711 4.06 8.83 22.48
N GLU A 712 3.18 9.73 22.89
CA GLU A 712 2.90 10.91 22.10
C GLU A 712 4.17 11.71 21.85
N VAL A 713 4.34 12.16 20.60
CA VAL A 713 5.48 12.99 20.27
C VAL A 713 5.46 14.22 21.16
N LYS A 714 6.60 14.50 21.78
CA LYS A 714 6.68 15.62 22.70
C LYS A 714 6.70 16.94 21.95
N ASP A 715 5.94 17.92 22.45
CA ASP A 715 5.93 19.28 21.91
C ASP A 715 5.43 19.31 20.46
N TYR A 716 4.42 18.49 20.17
CA TYR A 716 4.03 18.26 18.78
C TYR A 716 3.56 19.54 18.10
N ALA A 717 2.81 20.39 18.82
CA ALA A 717 2.38 21.65 18.24
C ALA A 717 3.57 22.57 17.95
N ALA A 718 4.61 22.51 18.79
CA ALA A 718 5.78 23.36 18.58
C ALA A 718 6.63 22.87 17.40
N ILE A 719 6.66 21.56 17.16
CA ILE A 719 7.39 21.04 16.00
C ILE A 719 6.85 21.67 14.73
N VAL A 720 5.52 21.66 14.57
CA VAL A 720 4.90 22.22 13.38
C VAL A 720 5.13 23.72 13.31
N GLU A 721 5.02 24.42 14.43
CA GLU A 721 5.18 25.87 14.43
C GLU A 721 6.60 26.26 14.04
N GLN A 722 7.60 25.54 14.56
CA GLN A 722 8.99 25.86 14.21
C GLN A 722 9.23 25.68 12.72
N ASN A 723 8.68 24.61 12.13
CA ASN A 723 8.92 24.35 10.71
C ASN A 723 8.21 25.37 9.83
N LEU A 724 7.03 25.84 10.26
CA LEU A 724 6.32 26.88 9.51
C LEU A 724 7.09 28.19 9.46
N GLN A 725 8.04 28.42 10.35
CA GLN A 725 8.85 29.63 10.27
C GLN A 725 9.90 29.56 9.17
N HIS A 726 10.16 28.37 8.62
CA HIS A 726 11.29 28.19 7.72
C HIS A 726 11.06 28.85 6.36
N PHE A 727 9.81 28.97 5.92
CA PHE A 727 9.55 29.47 4.58
C PHE A 727 9.36 30.98 4.51
N LYS A 728 9.15 31.64 5.63
CA LYS A 728 8.98 33.10 5.61
C LYS A 728 10.23 33.83 5.12
N PRO A 729 11.45 33.53 5.60
CA PRO A 729 12.62 34.24 5.06
C PRO A 729 12.86 34.00 3.58
N VAL A 730 12.44 32.86 3.03
CA VAL A 730 12.58 32.65 1.59
C VAL A 730 11.68 33.61 0.83
N PHE A 731 10.44 33.79 1.28
CA PHE A 731 9.54 34.75 0.65
C PHE A 731 10.07 36.18 0.80
N GLN A 732 10.66 36.48 1.95
CA GLN A 732 11.19 37.82 2.17
C GLN A 732 12.35 38.14 1.24
N LEU A 733 13.20 37.14 0.95
CA LEU A 733 14.34 37.38 0.08
C LEU A 733 13.90 37.61 -1.35
N LEU A 734 12.96 36.80 -1.85
CA LEU A 734 12.40 37.03 -3.18
C LEU A 734 11.86 38.45 -3.30
N GLU A 735 11.12 38.89 -2.30
CA GLU A 735 10.56 40.24 -2.31
C GLU A 735 11.65 41.29 -2.43
N LYS A 736 12.76 41.12 -1.71
CA LYS A 736 13.85 42.09 -1.77
C LYS A 736 14.52 42.08 -3.14
N GLN A 737 14.72 40.90 -3.73
CA GLN A 737 15.29 40.81 -5.07
C GLN A 737 14.41 41.52 -6.09
N ILE A 738 13.09 41.34 -5.99
CA ILE A 738 12.17 41.97 -6.94
C ILE A 738 12.21 43.48 -6.79
N LEU A 739 12.18 43.97 -5.54
CA LEU A 739 12.30 45.41 -5.30
C LEU A 739 13.65 45.92 -5.74
N SER A 740 14.71 45.13 -5.58
CA SER A 740 16.02 45.54 -6.06
C SER A 740 15.98 45.84 -7.55
N ARG A 741 15.20 45.08 -8.30
CA ARG A 741 15.20 45.22 -9.74
C ARG A 741 14.29 46.36 -10.21
N VAL A 742 13.18 46.60 -9.50
CA VAL A 742 12.33 47.74 -9.87
C VAL A 742 13.10 49.05 -9.70
N ARG A 743 13.95 49.13 -8.68
CA ARG A 743 14.71 50.35 -8.45
C ARG A 743 15.71 50.58 -9.59
N ASN A 744 16.27 49.52 -10.14
CA ASN A 744 17.26 49.63 -11.21
C ASN A 744 16.62 49.39 -12.57
#